data_9RN8
#
_entry.id   9RN8
#
_cell.length_a   74.411
_cell.length_b   93.542
_cell.length_c   173.757
_cell.angle_alpha   90.00
_cell.angle_beta   90.00
_cell.angle_gamma   90.00
#
_symmetry.space_group_name_H-M   'P 21 21 21'
#
loop_
_entity.id
_entity.type
_entity.pdbx_description
1 polymer 'histidine kinase'
2 polymer 'histidine kinase'
3 non-polymer '3-[(2Z)-2-({3-(2-carboxyethyl)-5-[(E)-(4-ethenyl-3-methyl-5-oxo-1,5-dihydro-2H-pyrrol-2-ylidene)methyl]-4-methyl-1H-pyrrol-2-yl}methylidene)-5-{(Z)-[(3E,4S)-3-ethylidene-4-methyl-5-oxopyrrolidin-2-ylidene]methyl}-4-methyl-2H-pyrrol-3-yl]propanoic acid'
4 non-polymer (4S)-2-METHYL-2,4-PENTANEDIOL
5 non-polymer DI(HYDROXYETHYL)ETHER
6 non-polymer '2-(N-MORPHOLINO)-ETHANESULFONIC ACID'
7 non-polymer 'CHLORIDE ION'
8 water water
#
loop_
_entity_poly.entity_id
_entity_poly.type
_entity_poly.pdbx_seq_one_letter_code
_entity_poly.pdbx_strand_id
1 'polypeptide(L)'
;MASTDYHVDLTNCDREPIHIPGYIQPHGCLIACDNAMRMVLRHSENCGELLGLEGDLNGRTAEDVLGKKLVHDLRNALTV
TGRTTRPAMLPAMETSDGRSFDISLHRYKSTTIIEFEPSGSDAQPLGTARKMVDRIREADSVESLISRTTRLV(MLZ)AT
LGYDRVMIYRFQEDGAG(MLZ)VVSEA(MLZ)QPELESFLGQYFPASDIPQQARAL(9IJ)LKNTLRIISDASGTRIPVL
PAVDVSGEPLDLSYAHLRSVSPIHCEYLRNMGVAASMSISVIVDGALWGLIACHHYSPRVLSMPVRIAAEMFGEFFSMHL
QVL(MLZ)Q(MLZ)RRLDTINHAHAALDRFLRLAAHHANIEELLVDSFQDFADLMPCDGVGLWVGNNWHGHGATPPHDAI
PRLARFVASASEGRVWATHALSQAIPEAEIYAGTAAGMLAIPLSQVKSDYLLFFR(MLZ)EIVQNLNWAGNPE(MLZ)SY
ETGPMGDRLTPRKSFAIW(MLZ)ETVRLQAQPWSEADREIAEAARIALVEVAFHHSEHHHHHH
;
A
2 'polypeptide(L)'
;MASTDYHVDLTNCDREPIHIPGYIQPHGCLIACDNAMRMVLRHSENCGELLGLEGDLNGRTAEDVLG(MLZ)KLVHDLRN
ALTVTGRTTRPAMLPAMETSDGRSFDISLHRYKSTTIIEFEPSGSDAQPLGTARKMVDRIREADSVESLISRTTRLV
(MLZ)ATLGYDRVMIYRFQEDGAG(MLZ)VVSEA(MLZ)QPELESFLGQYFPASDIPQQARAL(9IJ)L(MLZ)NTLRII
SDASGTRIPVLPAVDVSGEPLDLSYAHLRSVSPIHCEYLRNMGVAASMSISVIVDGALWGLIACHHYSPRVLSMPVRIAA
EMFGEFFSMHLQVL(MLZ)Q(MLZ)RRLDTINHAHAALDRFLRLAAHHANIEELLVDSFQDFADLMPCDGVGLWVGNNWH
GHGATPPHDAIPRLARFVASASEGRVWATHALSQAIPEAEIYAGTAAGMLAIPLSQVKSDYLLFFR(MLZ)EIVQNLNWA
GNPE(MLZ)SYETGPMGDRLTPRKSFAIW(MLZ)ETVRLQAQPWSEADREIAEAARIALVEVAFHHSEHHHHHH
;
B
#
loop_
_chem_comp.id
_chem_comp.type
_chem_comp.name
_chem_comp.formula
9IJ non-polymer 2-cyano-L-phenylalanine 'C10 H10 N2 O2'
CL non-polymer 'CHLORIDE ION' 'Cl -1'
EL5 non-polymer '3-[(2Z)-2-({3-(2-carboxyethyl)-5-[(E)-(4-ethenyl-3-methyl-5-oxo-1,5-dihydro-2H-pyrrol-2-ylidene)methyl]-4-methyl-1H-pyrrol-2-yl}methylidene)-5-{(Z)-[(3E,4S)-3-ethylidene-4-methyl-5-oxopyrrolidin-2-ylidene]methyl}-4-methyl-2H-pyrrol-3-yl]propanoic acid' 'C33 H36 N4 O6'
MES non-polymer '2-(N-MORPHOLINO)-ETHANESULFONIC ACID' 'C6 H13 N O4 S'
MPD non-polymer (4S)-2-METHYL-2,4-PENTANEDIOL 'C6 H14 O2'
PEG non-polymer DI(HYDROXYETHYL)ETHER 'C4 H10 O3'
#
# COMPACT_ATOMS: atom_id res chain seq x y z
N HIS A 7 -37.40 -10.28 -24.31
CA HIS A 7 -36.63 -9.29 -25.12
C HIS A 7 -36.31 -8.07 -24.27
N VAL A 8 -35.03 -7.66 -24.25
CA VAL A 8 -34.62 -6.50 -23.47
C VAL A 8 -35.04 -5.23 -24.22
N ASP A 9 -35.47 -4.22 -23.46
CA ASP A 9 -35.67 -2.88 -23.98
C ASP A 9 -35.35 -1.88 -22.87
N LEU A 10 -35.67 -0.60 -23.10
CA LEU A 10 -35.32 0.44 -22.16
C LEU A 10 -36.10 0.31 -20.85
N THR A 11 -37.21 -0.45 -20.86
CA THR A 11 -38.05 -0.57 -19.68
C THR A 11 -37.48 -1.61 -18.72
N ASN A 12 -36.71 -2.58 -19.23
CA ASN A 12 -36.24 -3.68 -18.39
C ASN A 12 -34.73 -3.89 -18.47
N CYS A 13 -33.99 -3.01 -19.18
CA CYS A 13 -32.55 -3.22 -19.33
C CYS A 13 -31.83 -3.07 -17.99
N ASP A 14 -32.44 -2.41 -17.00
CA ASP A 14 -31.84 -2.29 -15.68
C ASP A 14 -31.67 -3.64 -14.98
N ARG A 15 -32.41 -4.67 -15.42
CA ARG A 15 -32.35 -5.97 -14.76
CA ARG A 15 -32.37 -5.97 -14.76
C ARG A 15 -32.06 -7.07 -15.78
N GLU A 16 -31.52 -6.69 -16.94
CA GLU A 16 -31.21 -7.65 -17.99
C GLU A 16 -30.24 -8.70 -17.44
N PRO A 17 -30.53 -10.02 -17.59
CA PRO A 17 -29.65 -11.07 -17.07
C PRO A 17 -28.45 -11.33 -17.98
N ILE A 18 -27.53 -10.36 -18.01
CA ILE A 18 -26.44 -10.32 -18.98
C ILE A 18 -25.40 -11.40 -18.68
N HIS A 19 -25.50 -12.06 -17.52
CA HIS A 19 -24.60 -13.15 -17.18
C HIS A 19 -25.01 -14.45 -17.86
N ILE A 20 -26.27 -14.54 -18.32
CA ILE A 20 -26.80 -15.76 -18.91
C ILE A 20 -27.43 -15.47 -20.27
N PRO A 21 -26.68 -14.87 -21.23
CA PRO A 21 -27.27 -14.47 -22.51
C PRO A 21 -27.57 -15.64 -23.45
N GLY A 22 -26.85 -16.75 -23.27
CA GLY A 22 -27.03 -17.94 -24.10
C GLY A 22 -26.21 -17.89 -25.39
N TYR A 23 -25.33 -16.88 -25.51
CA TYR A 23 -24.53 -16.68 -26.72
C TYR A 23 -23.11 -16.28 -26.33
N ILE A 24 -22.18 -16.51 -27.26
CA ILE A 24 -20.83 -15.98 -27.15
C ILE A 24 -20.54 -15.10 -28.36
N GLN A 25 -19.43 -14.37 -28.25
CA GLN A 25 -18.89 -13.58 -29.34
C GLN A 25 -18.13 -14.50 -30.28
N PRO A 26 -18.01 -14.15 -31.57
CA PRO A 26 -17.43 -15.07 -32.56
C PRO A 26 -15.91 -15.19 -32.66
N HIS A 27 -15.16 -14.49 -31.81
CA HIS A 27 -13.71 -14.51 -31.91
C HIS A 27 -13.11 -15.69 -31.16
N GLY A 28 -13.98 -16.51 -30.55
CA GLY A 28 -13.54 -17.76 -29.94
C GLY A 28 -14.67 -18.77 -29.94
N CYS A 29 -14.41 -19.96 -29.38
CA CYS A 29 -15.46 -20.94 -29.16
C CYS A 29 -15.39 -21.44 -27.72
N LEU A 30 -16.49 -22.08 -27.28
CA LEU A 30 -16.68 -22.40 -25.87
C LEU A 30 -17.23 -23.82 -25.74
N ILE A 31 -16.63 -24.57 -24.81
CA ILE A 31 -17.10 -25.89 -24.40
C ILE A 31 -17.36 -25.85 -22.90
N ALA A 32 -18.54 -26.33 -22.50
CA ALA A 32 -18.91 -26.46 -21.10
C ALA A 32 -18.95 -27.95 -20.74
N CYS A 33 -18.18 -28.32 -19.72
CA CYS A 33 -18.13 -29.67 -19.20
C CYS A 33 -18.67 -29.69 -17.78
N ASP A 34 -18.88 -30.91 -17.26
CA ASP A 34 -19.22 -31.10 -15.86
CA ASP A 34 -19.22 -31.10 -15.86
C ASP A 34 -18.04 -30.68 -15.00
N ASN A 35 -18.27 -30.67 -13.67
CA ASN A 35 -17.30 -30.18 -12.71
C ASN A 35 -16.00 -30.98 -12.76
N ALA A 36 -16.06 -32.25 -13.19
CA ALA A 36 -14.87 -33.10 -13.22
C ALA A 36 -14.21 -33.13 -14.60
N MET A 37 -14.70 -32.31 -15.56
CA MET A 37 -14.20 -32.32 -16.93
C MET A 37 -14.21 -33.75 -17.47
N ARG A 38 -15.33 -34.46 -17.29
CA ARG A 38 -15.48 -35.80 -17.83
C ARG A 38 -16.27 -35.76 -19.13
N MET A 39 -17.37 -35.00 -19.15
CA MET A 39 -18.32 -35.02 -20.25
C MET A 39 -18.55 -33.59 -20.78
N VAL A 40 -18.74 -33.49 -22.09
CA VAL A 40 -19.15 -32.24 -22.72
C VAL A 40 -20.66 -32.10 -22.56
N LEU A 41 -21.09 -30.99 -21.94
CA LEU A 41 -22.49 -30.75 -21.65
C LEU A 41 -23.08 -29.74 -22.63
N ARG A 42 -22.29 -28.73 -23.00
CA ARG A 42 -22.72 -27.73 -23.97
C ARG A 42 -21.52 -27.28 -24.80
N HIS A 43 -21.81 -26.68 -25.95
CA HIS A 43 -20.77 -26.11 -26.81
C HIS A 43 -21.36 -25.00 -27.65
N SER A 44 -20.53 -24.00 -27.95
CA SER A 44 -20.92 -22.98 -28.91
C SER A 44 -20.99 -23.63 -30.29
N GLU A 45 -21.92 -23.13 -31.12
CA GLU A 45 -22.18 -23.69 -32.44
C GLU A 45 -20.94 -23.64 -33.34
N ASN A 46 -19.98 -22.74 -33.05
CA ASN A 46 -18.81 -22.57 -33.92
C ASN A 46 -17.63 -23.44 -33.50
N CYS A 47 -17.81 -24.34 -32.52
CA CYS A 47 -16.75 -25.23 -32.10
C CYS A 47 -16.28 -26.12 -33.25
N GLY A 48 -17.22 -26.64 -34.03
CA GLY A 48 -16.89 -27.53 -35.14
C GLY A 48 -15.91 -26.86 -36.11
N GLU A 49 -16.27 -25.66 -36.56
CA GLU A 49 -15.48 -24.88 -37.50
C GLU A 49 -14.11 -24.54 -36.90
N LEU A 50 -14.10 -24.03 -35.66
CA LEU A 50 -12.86 -23.55 -35.06
C LEU A 50 -11.92 -24.69 -34.72
N LEU A 51 -12.44 -25.77 -34.13
CA LEU A 51 -11.59 -26.81 -33.57
C LEU A 51 -11.45 -27.99 -34.53
N GLY A 52 -12.20 -28.00 -35.63
CA GLY A 52 -12.16 -29.11 -36.58
C GLY A 52 -12.79 -30.37 -35.99
N LEU A 53 -14.04 -30.23 -35.54
CA LEU A 53 -14.79 -31.32 -34.90
C LEU A 53 -16.10 -31.46 -35.66
N GLU A 54 -16.64 -32.68 -35.69
CA GLU A 54 -17.87 -32.93 -36.41
C GLU A 54 -18.94 -33.38 -35.42
N GLY A 55 -20.19 -33.00 -35.72
CA GLY A 55 -21.36 -33.53 -35.05
C GLY A 55 -21.69 -32.74 -33.79
N ASP A 56 -22.73 -33.19 -33.09
CA ASP A 56 -23.12 -32.65 -31.80
C ASP A 56 -22.10 -33.10 -30.77
N LEU A 57 -21.37 -32.15 -30.18
CA LEU A 57 -20.29 -32.46 -29.25
C LEU A 57 -20.84 -32.89 -27.89
N ASN A 58 -22.08 -32.49 -27.59
CA ASN A 58 -22.70 -32.77 -26.30
C ASN A 58 -22.86 -34.28 -26.13
N GLY A 59 -22.45 -34.80 -24.97
CA GLY A 59 -22.54 -36.22 -24.70
C GLY A 59 -21.31 -37.01 -25.17
N ARG A 60 -20.33 -36.31 -25.75
CA ARG A 60 -19.02 -36.91 -25.97
C ARG A 60 -18.19 -36.64 -24.73
N THR A 61 -17.25 -37.54 -24.41
CA THR A 61 -16.35 -37.31 -23.29
C THR A 61 -15.39 -36.17 -23.65
N ALA A 62 -14.87 -35.50 -22.60
CA ALA A 62 -13.86 -34.46 -22.80
C ALA A 62 -12.63 -35.06 -23.45
N GLU A 63 -12.28 -36.29 -23.06
CA GLU A 63 -11.12 -37.00 -23.61
C GLU A 63 -11.32 -37.23 -25.10
N ASP A 64 -12.54 -37.56 -25.50
CA ASP A 64 -12.88 -37.78 -26.90
C ASP A 64 -12.67 -36.48 -27.66
N VAL A 65 -13.29 -35.40 -27.19
CA VAL A 65 -13.34 -34.15 -27.92
C VAL A 65 -11.97 -33.47 -27.93
N LEU A 66 -11.26 -33.50 -26.79
CA LEU A 66 -10.05 -32.70 -26.61
C LEU A 66 -8.79 -33.52 -26.85
N GLY A 67 -8.87 -34.84 -26.69
CA GLY A 67 -7.70 -35.70 -26.74
C GLY A 67 -7.10 -35.88 -25.35
N LYS A 68 -6.34 -36.97 -25.17
CA LYS A 68 -5.86 -37.38 -23.87
C LYS A 68 -4.92 -36.34 -23.28
N LYS A 69 -4.01 -35.81 -24.10
CA LYS A 69 -2.97 -34.90 -23.64
C LYS A 69 -3.61 -33.59 -23.16
N LEU A 70 -4.48 -33.00 -23.98
CA LEU A 70 -5.05 -31.71 -23.66
C LEU A 70 -5.92 -31.81 -22.41
N VAL A 71 -6.75 -32.85 -22.33
CA VAL A 71 -7.64 -33.01 -21.19
C VAL A 71 -6.80 -33.15 -19.92
N HIS A 72 -5.67 -33.86 -20.02
CA HIS A 72 -4.77 -34.04 -18.88
C HIS A 72 -4.21 -32.68 -18.45
N ASP A 73 -3.73 -31.88 -19.42
CA ASP A 73 -3.14 -30.58 -19.18
C ASP A 73 -4.16 -29.62 -18.57
N LEU A 74 -5.40 -29.66 -19.07
CA LEU A 74 -6.43 -28.75 -18.58
C LEU A 74 -6.85 -29.14 -17.16
N ARG A 75 -6.97 -30.45 -16.90
CA ARG A 75 -7.29 -30.94 -15.56
C ARG A 75 -6.22 -30.45 -14.56
N ASN A 76 -4.95 -30.45 -15.00
CA ASN A 76 -3.85 -29.99 -14.16
C ASN A 76 -3.95 -28.49 -13.91
N ALA A 77 -4.27 -27.72 -14.96
CA ALA A 77 -4.44 -26.28 -14.81
C ALA A 77 -5.58 -25.97 -13.85
N LEU A 78 -6.56 -26.87 -13.77
CA LEU A 78 -7.76 -26.64 -13.00
C LEU A 78 -7.50 -26.78 -11.50
N THR A 79 -6.32 -27.32 -11.13
CA THR A 79 -5.91 -27.38 -9.73
C THR A 79 -5.45 -25.99 -9.29
N VAL A 80 -4.76 -25.29 -10.20
CA VAL A 80 -4.30 -23.92 -9.94
C VAL A 80 -5.52 -22.98 -9.94
N ARG A 86 -9.60 -16.59 -10.27
CA ARG A 86 -9.38 -16.10 -11.65
C ARG A 86 -9.36 -17.29 -12.60
N PRO A 87 -9.98 -17.19 -13.80
CA PRO A 87 -9.75 -18.14 -14.88
C PRO A 87 -8.26 -18.37 -15.17
N ALA A 88 -7.88 -19.61 -15.41
CA ALA A 88 -6.53 -19.93 -15.88
C ALA A 88 -6.40 -19.50 -17.33
N MET A 89 -5.31 -18.81 -17.65
CA MET A 89 -5.05 -18.32 -18.99
C MET A 89 -3.85 -19.10 -19.54
N LEU A 90 -4.08 -19.84 -20.64
CA LEU A 90 -3.11 -20.77 -21.18
C LEU A 90 -2.87 -20.45 -22.65
N PRO A 91 -1.98 -19.47 -22.96
CA PRO A 91 -1.72 -19.13 -24.35
C PRO A 91 -0.95 -20.25 -25.06
N ALA A 92 -1.25 -20.43 -26.35
CA ALA A 92 -0.48 -21.30 -27.24
C ALA A 92 -0.44 -22.73 -26.72
N MET A 93 -1.61 -23.27 -26.37
CA MET A 93 -1.76 -24.71 -26.10
C MET A 93 -1.84 -25.47 -27.42
N GLU A 94 -1.29 -26.70 -27.42
CA GLU A 94 -1.30 -27.57 -28.59
C GLU A 94 -2.50 -28.51 -28.51
N THR A 95 -3.34 -28.48 -29.55
CA THR A 95 -4.45 -29.41 -29.68
C THR A 95 -3.94 -30.71 -30.27
N ASP A 97 -4.23 -32.20 -33.27
CA ASP A 97 -3.94 -31.90 -34.70
C ASP A 97 -2.67 -31.06 -34.87
N GLY A 98 -2.09 -30.57 -33.75
CA GLY A 98 -0.83 -29.84 -33.79
C GLY A 98 -1.02 -28.33 -33.98
N ARG A 99 -2.28 -27.87 -33.98
CA ARG A 99 -2.57 -26.44 -34.09
C ARG A 99 -2.42 -25.81 -32.70
N SER A 100 -2.42 -24.47 -32.67
CA SER A 100 -2.24 -23.71 -31.44
CA SER A 100 -2.23 -23.71 -31.45
C SER A 100 -3.50 -22.91 -31.11
N PHE A 101 -3.91 -22.99 -29.84
CA PHE A 101 -5.05 -22.22 -29.35
C PHE A 101 -4.69 -21.61 -28.01
N ASP A 102 -5.16 -20.38 -27.81
CA ASP A 102 -5.12 -19.74 -26.51
C ASP A 102 -6.37 -20.16 -25.75
N ILE A 103 -6.16 -20.80 -24.60
CA ILE A 103 -7.26 -21.41 -23.85
C ILE A 103 -7.44 -20.68 -22.53
N SER A 104 -8.69 -20.33 -22.24
CA SER A 104 -9.09 -19.87 -20.92
C SER A 104 -9.98 -20.94 -20.26
N LEU A 105 -9.69 -21.24 -18.99
CA LEU A 105 -10.31 -22.33 -18.29
C LEU A 105 -10.74 -21.85 -16.90
N HIS A 106 -11.99 -22.12 -16.51
CA HIS A 106 -12.46 -21.87 -15.16
C HIS A 106 -13.62 -22.80 -14.82
N ARG A 107 -13.91 -22.88 -13.52
CA ARG A 107 -15.07 -23.59 -13.02
C ARG A 107 -15.93 -22.63 -12.21
N TYR A 108 -17.23 -22.63 -12.50
CA TYR A 108 -18.21 -21.85 -11.75
C TYR A 108 -19.56 -22.55 -11.87
N LYS A 109 -20.33 -22.56 -10.77
CA LYS A 109 -21.64 -23.18 -10.73
C LYS A 109 -21.56 -24.63 -11.19
N SER A 110 -20.53 -25.33 -10.69
CA SER A 110 -20.32 -26.74 -10.94
C SER A 110 -20.20 -27.06 -12.43
N THR A 111 -19.72 -26.09 -13.22
CA THR A 111 -19.53 -26.22 -14.65
C THR A 111 -18.10 -25.79 -14.99
N THR A 112 -17.39 -26.62 -15.78
CA THR A 112 -16.09 -26.24 -16.29
C THR A 112 -16.30 -25.60 -17.66
N ILE A 113 -15.80 -24.37 -17.82
CA ILE A 113 -15.92 -23.65 -19.07
C ILE A 113 -14.53 -23.51 -19.69
N ILE A 114 -14.42 -23.98 -20.93
CA ILE A 114 -13.17 -23.93 -21.68
C ILE A 114 -13.40 -23.03 -22.89
N GLU A 115 -12.57 -21.99 -23.01
CA GLU A 115 -12.68 -21.04 -24.09
C GLU A 115 -11.42 -21.08 -24.95
N PHE A 116 -11.63 -21.10 -26.27
CA PHE A 116 -10.55 -21.28 -27.23
C PHE A 116 -10.52 -20.12 -28.20
N GLU A 117 -9.32 -19.59 -28.45
CA GLU A 117 -9.08 -18.67 -29.55
C GLU A 117 -7.89 -19.19 -30.36
N PRO A 118 -7.93 -19.13 -31.71
CA PRO A 118 -6.75 -19.49 -32.51
C PRO A 118 -5.60 -18.59 -32.09
N SER A 119 -4.42 -19.17 -31.84
CA SER A 119 -3.29 -18.39 -31.34
C SER A 119 -2.80 -17.38 -32.40
N GLY A 127 7.98 -8.26 -23.00
CA GLY A 127 7.73 -7.79 -21.63
C GLY A 127 6.83 -6.55 -21.62
N THR A 128 5.65 -6.70 -22.23
CA THR A 128 4.73 -5.59 -22.45
C THR A 128 4.34 -4.97 -21.11
N ALA A 129 4.00 -5.81 -20.14
CA ALA A 129 3.52 -5.34 -18.85
C ALA A 129 4.58 -4.47 -18.17
N ARG A 130 5.81 -4.99 -18.11
CA ARG A 130 6.92 -4.31 -17.44
C ARG A 130 7.17 -2.95 -18.06
N LYS A 131 7.17 -2.88 -19.40
CA LYS A 131 7.36 -1.63 -20.13
C LYS A 131 6.27 -0.61 -19.81
N MET A 132 5.01 -1.05 -19.69
CA MET A 132 3.91 -0.13 -19.39
C MET A 132 4.02 0.34 -17.94
N VAL A 133 4.26 -0.59 -17.02
CA VAL A 133 4.31 -0.28 -15.60
C VAL A 133 5.46 0.72 -15.34
N ASP A 134 6.59 0.51 -16.02
CA ASP A 134 7.74 1.37 -15.85
C ASP A 134 7.40 2.82 -16.20
N ARG A 135 6.43 3.01 -17.10
CA ARG A 135 6.05 4.34 -17.56
C ARG A 135 5.02 5.00 -16.66
N ILE A 136 4.50 4.30 -15.64
CA ILE A 136 3.57 4.94 -14.70
C ILE A 136 4.10 4.91 -13.26
N ARG A 137 5.09 4.07 -12.97
CA ARG A 137 5.46 3.77 -11.59
C ARG A 137 6.06 5.00 -10.91
N GLU A 138 6.54 5.97 -11.69
CA GLU A 138 7.15 7.18 -11.15
C GLU A 138 6.16 8.34 -11.06
N ALA A 139 4.93 8.17 -11.58
CA ALA A 139 3.91 9.20 -11.40
C ALA A 139 3.77 9.48 -9.90
N ASP A 140 3.79 10.75 -9.50
CA ASP A 140 3.75 11.06 -8.09
C ASP A 140 2.52 11.90 -7.74
N SER A 141 1.51 11.90 -8.61
CA SER A 141 0.19 12.38 -8.24
C SER A 141 -0.86 11.57 -8.98
N VAL A 142 -2.05 11.50 -8.39
CA VAL A 142 -3.18 10.85 -9.05
C VAL A 142 -3.40 11.50 -10.41
N GLU A 143 -3.35 12.84 -10.45
CA GLU A 143 -3.56 13.58 -11.68
C GLU A 143 -2.59 13.13 -12.77
N SER A 144 -1.30 13.02 -12.42
CA SER A 144 -0.27 12.66 -13.38
C SER A 144 -0.43 11.20 -13.84
N LEU A 145 -0.84 10.32 -12.92
CA LEU A 145 -1.06 8.93 -13.25
C LEU A 145 -2.20 8.78 -14.26
N ILE A 146 -3.33 9.45 -14.02
CA ILE A 146 -4.49 9.21 -14.85
C ILE A 146 -4.31 9.91 -16.21
N SER A 147 -3.66 11.08 -16.20
CA SER A 147 -3.36 11.80 -17.43
C SER A 147 -2.55 10.93 -18.38
N ARG A 148 -1.44 10.35 -17.88
CA ARG A 148 -0.51 9.65 -18.74
C ARG A 148 -1.02 8.27 -19.14
N THR A 149 -1.89 7.65 -18.33
CA THR A 149 -2.29 6.27 -18.55
C THR A 149 -3.08 6.14 -19.85
N THR A 150 -4.00 7.08 -20.14
CA THR A 150 -4.78 6.96 -21.36
C THR A 150 -3.85 7.04 -22.58
N ARG A 151 -2.86 7.96 -22.52
CA ARG A 151 -1.93 8.13 -23.62
CA ARG A 151 -1.90 8.14 -23.59
C ARG A 151 -1.10 6.86 -23.80
N LEU A 152 -0.59 6.31 -22.69
CA LEU A 152 0.23 5.11 -22.74
C LEU A 152 -0.56 3.91 -23.28
N VAL A 153 -1.78 3.72 -22.77
CA VAL A 153 -2.57 2.56 -23.11
C VAL A 153 -2.97 2.64 -24.59
N MLZ A 154 -3.32 3.84 -25.05
CA MLZ A 154 -3.69 4.05 -26.44
CA MLZ A 154 -3.69 4.05 -26.44
CB MLZ A 154 -4.07 5.52 -26.69
CB MLZ A 154 -4.09 5.51 -26.70
CG MLZ A 154 -4.42 5.82 -28.14
CG MLZ A 154 -4.42 5.81 -28.15
CD MLZ A 154 -4.97 7.20 -28.39
CD MLZ A 154 -5.00 7.18 -28.41
CE MLZ A 154 -5.07 7.50 -29.88
CE MLZ A 154 -5.09 7.46 -29.90
NZ MLZ A 154 -3.74 7.72 -30.48
NZ MLZ A 154 -3.78 7.71 -30.49
CM MLZ A 154 -3.75 7.62 -31.94
CM MLZ A 154 -3.25 9.05 -30.18
C MLZ A 154 -2.54 3.65 -27.36
O MLZ A 154 -2.74 2.92 -28.32
N ALA A 155 -1.34 4.14 -27.06
CA ALA A 155 -0.17 3.89 -27.89
C ALA A 155 0.21 2.42 -27.87
N THR A 156 0.14 1.79 -26.69
CA THR A 156 0.62 0.44 -26.51
C THR A 156 -0.38 -0.58 -27.07
N LEU A 157 -1.68 -0.39 -26.78
CA LEU A 157 -2.68 -1.38 -27.14
C LEU A 157 -3.35 -1.06 -28.48
N GLY A 158 -3.12 0.15 -29.01
CA GLY A 158 -3.51 0.49 -30.36
C GLY A 158 -5.02 0.64 -30.54
N TYR A 159 -5.72 1.22 -29.55
CA TYR A 159 -7.13 1.55 -29.68
C TYR A 159 -7.28 3.02 -30.10
N ASP A 160 -8.38 3.33 -30.79
CA ASP A 160 -8.64 4.65 -31.34
C ASP A 160 -8.88 5.66 -30.22
N ARG A 161 -9.46 5.21 -29.11
CA ARG A 161 -9.68 6.07 -27.96
C ARG A 161 -9.45 5.27 -26.69
N VAL A 162 -8.86 5.92 -25.68
CA VAL A 162 -8.79 5.34 -24.35
C VAL A 162 -9.25 6.42 -23.38
N MET A 163 -10.18 6.05 -22.49
CA MET A 163 -10.68 6.95 -21.46
C MET A 163 -10.49 6.30 -20.10
N ILE A 164 -10.49 7.14 -19.07
CA ILE A 164 -10.66 6.66 -17.72
C ILE A 164 -11.89 7.35 -17.14
N TYR A 165 -12.75 6.52 -16.55
CA TYR A 165 -13.90 7.01 -15.79
C TYR A 165 -13.62 6.83 -14.29
N ARG A 166 -13.98 7.85 -13.51
CA ARG A 166 -14.03 7.75 -12.07
C ARG A 166 -15.49 7.76 -11.66
N PHE A 167 -15.90 6.74 -10.90
CA PHE A 167 -17.26 6.66 -10.42
C PHE A 167 -17.44 7.67 -9.30
N GLN A 168 -18.59 8.34 -9.32
CA GLN A 168 -19.00 9.30 -8.32
C GLN A 168 -19.73 8.55 -7.20
N GLU A 169 -20.07 9.27 -6.12
CA GLU A 169 -20.73 8.65 -4.98
C GLU A 169 -22.08 8.07 -5.40
N ASP A 170 -22.76 8.69 -6.37
CA ASP A 170 -24.06 8.22 -6.81
C ASP A 170 -23.94 7.18 -7.94
N GLY A 171 -22.72 6.78 -8.28
CA GLY A 171 -22.50 5.73 -9.27
C GLY A 171 -22.32 6.27 -10.69
N ALA A 172 -22.56 7.57 -10.90
CA ALA A 172 -22.30 8.17 -12.20
C ALA A 172 -20.82 8.04 -12.52
N GLY A 173 -20.49 8.07 -13.82
CA GLY A 173 -19.10 8.08 -14.24
C GLY A 173 -18.71 9.45 -14.78
N MLZ A 174 -17.51 9.90 -14.39
CA MLZ A 174 -16.90 11.09 -14.95
CA MLZ A 174 -16.91 11.10 -14.95
CB MLZ A 174 -16.46 12.05 -13.84
CB MLZ A 174 -16.47 12.07 -13.86
CG MLZ A 174 -15.90 13.37 -14.33
CG MLZ A 174 -15.97 13.41 -14.39
CD MLZ A 174 -15.32 14.25 -13.24
CD MLZ A 174 -15.31 14.30 -13.37
CE MLZ A 174 -14.84 15.59 -13.76
CE MLZ A 174 -14.88 15.63 -13.99
NZ MLZ A 174 -14.06 16.36 -12.78
NZ MLZ A 174 -13.96 16.39 -13.13
CM MLZ A 174 -14.64 16.48 -11.43
CM MLZ A 174 -13.60 17.68 -13.73
C MLZ A 174 -15.71 10.68 -15.80
O MLZ A 174 -14.86 9.92 -15.35
N VAL A 175 -15.65 11.21 -17.03
CA VAL A 175 -14.52 10.99 -17.91
C VAL A 175 -13.39 11.91 -17.45
N VAL A 176 -12.36 11.32 -16.82
CA VAL A 176 -11.33 12.10 -16.15
C VAL A 176 -10.03 12.08 -16.94
N SER A 177 -9.94 11.27 -17.98
CA SER A 177 -8.76 11.24 -18.83
C SER A 177 -9.17 10.70 -20.20
N GLU A 178 -8.49 11.16 -21.25
CA GLU A 178 -8.82 10.75 -22.61
C GLU A 178 -7.60 10.91 -23.51
N ALA A 179 -7.32 9.86 -24.28
CA ALA A 179 -6.43 9.95 -25.44
C ALA A 179 -7.21 9.46 -26.64
N MLZ A 180 -7.13 10.17 -27.77
CA MLZ A 180 -8.02 9.89 -28.89
CA MLZ A 180 -8.02 9.89 -28.89
CB MLZ A 180 -9.32 10.67 -28.75
CB MLZ A 180 -9.32 10.69 -28.75
CG MLZ A 180 -9.16 12.18 -28.65
CG MLZ A 180 -9.15 12.20 -28.65
CD MLZ A 180 -10.44 12.94 -28.92
CD MLZ A 180 -10.43 12.97 -28.90
CE MLZ A 180 -10.37 14.42 -28.55
CE MLZ A 180 -10.31 14.45 -28.58
NZ MLZ A 180 -9.45 15.18 -29.40
NZ MLZ A 180 -9.23 15.11 -29.33
CM MLZ A 180 -9.29 16.57 -28.96
CM MLZ A 180 -9.45 15.14 -30.79
C MLZ A 180 -7.34 10.25 -30.20
O MLZ A 180 -6.41 11.06 -30.24
N GLN A 181 -7.84 9.63 -31.29
CA GLN A 181 -7.51 10.05 -32.64
C GLN A 181 -7.93 11.50 -32.80
N PRO A 182 -7.13 12.34 -33.50
CA PRO A 182 -7.45 13.76 -33.63
C PRO A 182 -8.82 14.08 -34.24
N GLU A 183 -9.39 13.14 -35.01
CA GLU A 183 -10.63 13.37 -35.74
C GLU A 183 -11.86 13.07 -34.89
N LEU A 184 -11.68 12.47 -33.71
CA LEU A 184 -12.82 12.09 -32.88
C LEU A 184 -13.30 13.28 -32.05
N GLU A 185 -14.58 13.27 -31.70
CA GLU A 185 -15.12 14.17 -30.68
C GLU A 185 -14.51 13.81 -29.33
N SER A 186 -14.47 14.79 -28.43
CA SER A 186 -13.99 14.60 -27.06
C SER A 186 -15.16 14.35 -26.11
N PHE A 187 -14.91 13.47 -25.13
CA PHE A 187 -15.84 13.23 -24.03
C PHE A 187 -15.21 13.66 -22.70
N LEU A 188 -14.02 14.26 -22.73
CA LEU A 188 -13.33 14.62 -21.51
C LEU A 188 -14.18 15.61 -20.72
N GLY A 189 -14.37 15.34 -19.42
CA GLY A 189 -15.08 16.23 -18.52
C GLY A 189 -16.59 15.96 -18.51
N GLN A 190 -17.03 15.05 -19.38
CA GLN A 190 -18.41 14.61 -19.46
C GLN A 190 -18.70 13.58 -18.36
N TYR A 191 -19.98 13.44 -18.02
CA TYR A 191 -20.45 12.44 -17.07
C TYR A 191 -21.55 11.60 -17.71
N PHE A 192 -21.65 10.34 -17.29
CA PHE A 192 -22.79 9.52 -17.64
C PHE A 192 -23.49 9.10 -16.35
N PRO A 193 -24.84 8.92 -16.39
CA PRO A 193 -25.59 8.57 -15.19
C PRO A 193 -25.30 7.13 -14.79
N ALA A 194 -25.60 6.83 -13.52
CA ALA A 194 -25.41 5.49 -12.99
C ALA A 194 -26.09 4.45 -13.86
N SER A 195 -27.27 4.80 -14.40
CA SER A 195 -28.12 3.85 -15.10
C SER A 195 -27.51 3.37 -16.41
N ASP A 196 -26.50 4.10 -16.92
CA ASP A 196 -25.81 3.70 -18.15
C ASP A 196 -25.05 2.39 -17.95
N ILE A 197 -24.71 2.07 -16.70
CA ILE A 197 -24.09 0.79 -16.41
C ILE A 197 -24.92 0.07 -15.34
N PRO A 198 -25.78 -0.89 -15.76
CA PRO A 198 -26.64 -1.64 -14.83
C PRO A 198 -25.87 -2.37 -13.74
N GLN A 199 -26.57 -2.65 -12.63
CA GLN A 199 -25.93 -3.25 -11.45
C GLN A 199 -25.22 -4.55 -11.80
N GLN A 200 -25.79 -5.35 -12.71
CA GLN A 200 -25.19 -6.63 -13.05
C GLN A 200 -23.87 -6.42 -13.80
N ALA A 201 -23.82 -5.39 -14.65
CA ALA A 201 -22.59 -5.06 -15.38
C ALA A 201 -21.50 -4.61 -14.41
N ARG A 202 -21.90 -3.87 -13.37
CA ARG A 202 -20.98 -3.43 -12.34
C ARG A 202 -20.41 -4.62 -11.57
N ALA A 203 -21.28 -5.58 -11.25
CA ALA A 203 -20.87 -6.80 -10.55
C ALA A 203 -19.84 -7.55 -11.38
N LEU A 204 -20.11 -7.69 -12.68
CA LEU A 204 -19.23 -8.41 -13.59
C LEU A 204 -17.94 -7.62 -13.83
N 9IJ A 205 -17.95 -6.19 -13.89
CA 9IJ A 205 -16.71 -5.41 -13.93
C 9IJ A 205 -16.00 -5.55 -12.59
CB 9IJ A 205 -17.03 -3.94 -14.15
CG 9IJ A 205 -17.53 -3.60 -15.53
CD1 9IJ A 205 -17.23 -4.40 -16.64
CD2 9IJ A 205 -18.26 -2.44 -15.72
CE1 9IJ A 205 -17.69 -4.04 -17.89
CE2 9IJ A 205 -18.72 -2.08 -16.99
CZ 9IJ A 205 -18.42 -2.89 -18.07
C01 9IJ A 205 -18.56 -1.66 -14.74
N01 9IJ A 205 -18.84 -0.92 -13.88
O 9IJ A 205 -14.59 -5.60 -12.76
N LEU A 206 -16.71 -5.91 -11.32
CA LEU A 206 -15.84 -6.14 -10.13
C LEU A 206 -15.17 -7.51 -10.18
N LYS A 207 -15.87 -8.52 -10.72
CA LYS A 207 -15.43 -9.90 -10.73
C LYS A 207 -14.35 -10.17 -11.79
N ASN A 208 -14.38 -9.43 -12.91
CA ASN A 208 -13.47 -9.65 -14.03
C ASN A 208 -12.62 -8.40 -14.27
N THR A 209 -11.29 -8.57 -14.38
CA THR A 209 -10.41 -7.44 -14.66
C THR A 209 -10.68 -6.88 -16.05
N LEU A 210 -10.87 -7.77 -17.04
CA LEU A 210 -11.04 -7.37 -18.43
C LEU A 210 -12.44 -7.69 -18.91
N ARG A 211 -13.00 -6.78 -19.71
CA ARG A 211 -14.18 -7.05 -20.52
C ARG A 211 -13.84 -6.76 -21.97
N ILE A 212 -14.00 -7.79 -22.82
CA ILE A 212 -13.63 -7.73 -24.23
C ILE A 212 -14.88 -7.75 -25.09
N ILE A 213 -14.99 -6.78 -26.00
CA ILE A 213 -15.98 -6.80 -27.07
C ILE A 213 -15.23 -6.68 -28.39
N SER A 214 -15.19 -7.77 -29.17
CA SER A 214 -14.41 -7.82 -30.39
C SER A 214 -15.11 -7.10 -31.54
N ASP A 215 -16.45 -7.15 -31.55
CA ASP A 215 -17.23 -6.60 -32.65
C ASP A 215 -18.65 -6.29 -32.16
N ALA A 216 -19.03 -5.01 -32.16
CA ALA A 216 -20.35 -4.61 -31.69
C ALA A 216 -21.44 -5.00 -32.69
N SER A 217 -21.03 -5.33 -33.93
CA SER A 217 -21.94 -5.78 -34.96
C SER A 217 -21.66 -7.22 -35.36
N GLY A 218 -20.88 -7.95 -34.55
CA GLY A 218 -20.58 -9.35 -34.82
C GLY A 218 -21.80 -10.22 -34.51
N THR A 219 -22.06 -11.21 -35.36
CA THR A 219 -23.20 -12.08 -35.14
C THR A 219 -22.90 -13.00 -33.97
N ARG A 220 -23.78 -12.99 -32.96
CA ARG A 220 -23.67 -13.83 -31.79
C ARG A 220 -23.67 -15.30 -32.18
N ILE A 221 -22.94 -16.12 -31.42
CA ILE A 221 -22.90 -17.56 -31.64
C ILE A 221 -23.68 -18.23 -30.50
N PRO A 222 -24.72 -19.04 -30.77
CA PRO A 222 -25.48 -19.66 -29.69
C PRO A 222 -24.65 -20.71 -28.94
N VAL A 223 -24.83 -20.75 -27.63
CA VAL A 223 -24.41 -21.86 -26.78
C VAL A 223 -25.50 -22.94 -26.88
N LEU A 224 -25.10 -24.16 -27.26
CA LEU A 224 -26.04 -25.25 -27.47
C LEU A 224 -25.87 -26.30 -26.38
N PRO A 225 -26.88 -26.55 -25.51
CA PRO A 225 -28.14 -25.80 -25.46
C PRO A 225 -28.06 -24.56 -24.59
N ALA A 226 -28.92 -23.56 -24.85
CA ALA A 226 -29.02 -22.40 -24.00
C ALA A 226 -29.55 -22.80 -22.62
N VAL A 227 -30.63 -23.59 -22.63
CA VAL A 227 -31.22 -24.10 -21.40
C VAL A 227 -31.14 -25.63 -21.45
N ASP A 228 -30.49 -26.21 -20.44
CA ASP A 228 -30.19 -27.62 -20.43
C ASP A 228 -31.42 -28.42 -20.02
N VAL A 229 -31.30 -29.75 -19.98
CA VAL A 229 -32.44 -30.63 -19.78
C VAL A 229 -33.04 -30.38 -18.39
N SER A 230 -32.23 -29.90 -17.43
CA SER A 230 -32.67 -29.56 -16.09
C SER A 230 -33.27 -28.16 -16.01
N GLY A 231 -33.25 -27.41 -17.12
CA GLY A 231 -33.84 -26.08 -17.15
C GLY A 231 -32.86 -24.99 -16.70
N GLU A 232 -31.56 -25.32 -16.62
CA GLU A 232 -30.55 -24.39 -16.15
C GLU A 232 -29.94 -23.64 -17.33
N PRO A 233 -29.84 -22.29 -17.27
CA PRO A 233 -29.00 -21.54 -18.20
C PRO A 233 -27.53 -21.76 -17.88
N LEU A 234 -26.66 -21.39 -18.81
CA LEU A 234 -25.22 -21.46 -18.58
C LEU A 234 -24.73 -20.10 -18.06
N ASP A 235 -24.21 -20.09 -16.84
CA ASP A 235 -23.71 -18.87 -16.23
C ASP A 235 -22.33 -18.55 -16.79
N LEU A 236 -22.25 -17.47 -17.58
CA LEU A 236 -21.05 -17.07 -18.28
C LEU A 236 -20.35 -15.88 -17.60
N SER A 237 -20.62 -15.69 -16.31
CA SER A 237 -20.08 -14.58 -15.54
C SER A 237 -18.57 -14.42 -15.75
N TYR A 238 -17.82 -15.54 -15.75
CA TYR A 238 -16.36 -15.48 -15.84
C TYR A 238 -15.85 -15.88 -17.23
N ALA A 239 -16.75 -16.04 -18.19
CA ALA A 239 -16.37 -16.39 -19.55
C ALA A 239 -16.03 -15.11 -20.33
N HIS A 240 -14.83 -15.03 -20.90
CA HIS A 240 -14.44 -13.81 -21.60
C HIS A 240 -15.17 -13.68 -22.94
N LEU A 241 -15.72 -14.78 -23.46
CA LEU A 241 -16.42 -14.77 -24.75
C LEU A 241 -17.89 -14.41 -24.60
N ARG A 242 -18.38 -14.25 -23.36
CA ARG A 242 -19.79 -13.96 -23.12
C ARG A 242 -20.27 -12.84 -24.04
N SER A 243 -21.45 -13.02 -24.64
CA SER A 243 -21.99 -12.07 -25.60
C SER A 243 -22.43 -10.78 -24.89
N VAL A 244 -22.77 -9.76 -25.70
CA VAL A 244 -23.04 -8.42 -25.21
C VAL A 244 -24.54 -8.12 -25.33
N SER A 245 -25.08 -7.41 -24.33
CA SER A 245 -26.42 -6.88 -24.39
C SER A 245 -26.69 -6.17 -25.70
N PRO A 246 -27.84 -6.44 -26.37
CA PRO A 246 -28.26 -5.66 -27.53
C PRO A 246 -28.36 -4.16 -27.25
N ILE A 247 -28.67 -3.81 -25.99
CA ILE A 247 -28.74 -2.42 -25.59
C ILE A 247 -27.36 -1.78 -25.78
N HIS A 248 -26.32 -2.39 -25.22
CA HIS A 248 -24.98 -1.81 -25.30
C HIS A 248 -24.48 -1.82 -26.75
N CYS A 249 -24.74 -2.90 -27.50
CA CYS A 249 -24.30 -2.97 -28.88
C CYS A 249 -24.86 -1.80 -29.67
N GLU A 250 -26.13 -1.44 -29.42
CA GLU A 250 -26.77 -0.35 -30.14
C GLU A 250 -26.12 0.97 -29.74
N TYR A 251 -25.86 1.14 -28.44
CA TYR A 251 -25.18 2.31 -27.91
C TYR A 251 -23.86 2.50 -28.65
N LEU A 252 -23.03 1.45 -28.72
CA LEU A 252 -21.73 1.52 -29.37
C LEU A 252 -21.90 1.84 -30.86
N ARG A 253 -22.85 1.16 -31.51
CA ARG A 253 -23.08 1.39 -32.93
C ARG A 253 -23.44 2.85 -33.19
N ASN A 254 -24.27 3.44 -32.30
CA ASN A 254 -24.64 4.84 -32.44
C ASN A 254 -23.40 5.75 -32.35
N MET A 255 -22.45 5.39 -31.48
CA MET A 255 -21.24 6.17 -31.31
C MET A 255 -20.32 6.01 -32.52
N GLY A 256 -20.43 4.86 -33.21
CA GLY A 256 -19.49 4.47 -34.23
C GLY A 256 -18.43 3.52 -33.70
N VAL A 257 -18.50 3.19 -32.40
CA VAL A 257 -17.56 2.26 -31.81
C VAL A 257 -17.89 0.84 -32.26
N ALA A 258 -16.86 0.06 -32.63
CA ALA A 258 -17.05 -1.29 -33.11
C ALA A 258 -16.47 -2.33 -32.16
N ALA A 259 -15.60 -1.91 -31.23
CA ALA A 259 -14.94 -2.83 -30.33
C ALA A 259 -14.47 -2.10 -29.09
N SER A 260 -14.26 -2.86 -28.01
CA SER A 260 -13.84 -2.26 -26.76
C SER A 260 -13.12 -3.28 -25.89
N MET A 261 -12.35 -2.76 -24.94
CA MET A 261 -11.83 -3.55 -23.84
C MET A 261 -11.70 -2.61 -22.64
N SER A 262 -12.32 -2.99 -21.51
CA SER A 262 -12.16 -2.26 -20.27
C SER A 262 -11.22 -3.02 -19.34
N ILE A 263 -10.44 -2.24 -18.59
CA ILE A 263 -9.64 -2.75 -17.48
C ILE A 263 -10.25 -2.14 -16.21
N SER A 264 -10.75 -2.99 -15.32
CA SER A 264 -11.39 -2.52 -14.10
C SER A 264 -10.33 -1.96 -13.14
N VAL A 265 -10.68 -0.85 -12.48
CA VAL A 265 -9.79 -0.21 -11.51
C VAL A 265 -10.38 -0.46 -10.13
N ILE A 266 -9.61 -1.13 -9.27
CA ILE A 266 -10.05 -1.52 -7.94
C ILE A 266 -9.27 -0.70 -6.91
N VAL A 267 -10.01 0.03 -6.06
CA VAL A 267 -9.44 0.75 -4.94
C VAL A 267 -10.28 0.43 -3.70
N ASP A 268 -9.62 0.12 -2.58
CA ASP A 268 -10.30 -0.23 -1.35
C ASP A 268 -11.28 -1.39 -1.58
N GLY A 269 -10.89 -2.34 -2.44
CA GLY A 269 -11.67 -3.55 -2.67
C GLY A 269 -12.94 -3.34 -3.50
N ALA A 270 -13.12 -2.13 -4.06
CA ALA A 270 -14.33 -1.77 -4.78
C ALA A 270 -13.97 -1.16 -6.13
N LEU A 271 -14.98 -1.00 -7.00
CA LEU A 271 -14.75 -0.50 -8.34
C LEU A 271 -14.63 1.02 -8.31
N TRP A 272 -13.39 1.52 -8.47
CA TRP A 272 -13.11 2.94 -8.51
C TRP A 272 -13.58 3.55 -9.83
N GLY A 273 -13.44 2.78 -10.91
CA GLY A 273 -13.69 3.25 -12.25
C GLY A 273 -13.19 2.23 -13.27
N LEU A 274 -13.04 2.68 -14.52
CA LEU A 274 -12.59 1.84 -15.61
C LEU A 274 -11.53 2.57 -16.44
N ILE A 275 -10.60 1.79 -17.01
CA ILE A 275 -9.89 2.19 -18.21
C ILE A 275 -10.64 1.58 -19.39
N ALA A 276 -11.27 2.44 -20.20
CA ALA A 276 -12.09 2.00 -21.32
C ALA A 276 -11.39 2.27 -22.63
N CYS A 277 -11.13 1.20 -23.39
CA CYS A 277 -10.49 1.29 -24.70
C CYS A 277 -11.56 1.04 -25.77
N HIS A 278 -11.72 2.01 -26.68
CA HIS A 278 -12.72 1.93 -27.73
C HIS A 278 -12.03 2.00 -29.09
N HIS A 279 -12.50 1.16 -30.02
CA HIS A 279 -12.01 1.15 -31.38
C HIS A 279 -13.19 1.33 -32.32
N TYR A 280 -12.97 2.06 -33.42
CA TYR A 280 -14.02 2.38 -34.38
C TYR A 280 -14.00 1.37 -35.53
N SER A 281 -13.26 0.28 -35.35
CA SER A 281 -13.35 -0.90 -36.19
C SER A 281 -13.16 -2.13 -35.29
N PRO A 282 -13.51 -3.35 -35.74
CA PRO A 282 -13.37 -4.53 -34.88
C PRO A 282 -11.93 -4.70 -34.37
N ARG A 283 -11.80 -5.21 -33.15
CA ARG A 283 -10.50 -5.36 -32.53
C ARG A 283 -10.60 -6.27 -31.32
N VAL A 284 -9.66 -7.22 -31.24
CA VAL A 284 -9.48 -8.01 -30.04
C VAL A 284 -7.99 -8.31 -29.91
N LEU A 285 -7.45 -8.03 -28.73
CA LEU A 285 -6.06 -8.28 -28.43
C LEU A 285 -5.84 -9.75 -28.18
N SER A 286 -4.67 -10.26 -28.58
CA SER A 286 -4.30 -11.63 -28.30
C SER A 286 -4.22 -11.83 -26.78
N MET A 287 -4.38 -13.09 -26.37
CA MET A 287 -4.40 -13.43 -24.96
C MET A 287 -3.12 -13.00 -24.26
N PRO A 288 -1.91 -13.20 -24.84
CA PRO A 288 -0.68 -12.70 -24.20
C PRO A 288 -0.73 -11.21 -23.87
N VAL A 289 -1.27 -10.41 -24.79
CA VAL A 289 -1.34 -8.97 -24.59
C VAL A 289 -2.40 -8.65 -23.53
N ARG A 290 -3.50 -9.41 -23.53
CA ARG A 290 -4.56 -9.24 -22.53
C ARG A 290 -4.01 -9.54 -21.14
N ILE A 291 -3.17 -10.58 -21.02
CA ILE A 291 -2.54 -10.91 -19.76
C ILE A 291 -1.70 -9.73 -19.29
N ALA A 292 -0.90 -9.15 -20.20
CA ALA A 292 -0.11 -7.97 -19.90
C ALA A 292 -1.02 -6.83 -19.41
N ALA A 293 -2.12 -6.57 -20.14
CA ALA A 293 -3.03 -5.50 -19.79
C ALA A 293 -3.61 -5.70 -18.39
N GLU A 294 -3.93 -6.96 -18.04
CA GLU A 294 -4.43 -7.30 -16.72
C GLU A 294 -3.38 -6.99 -15.65
N MET A 295 -2.13 -7.38 -15.88
CA MET A 295 -1.04 -7.09 -14.96
C MET A 295 -0.85 -5.58 -14.82
N PHE A 296 -0.92 -4.86 -15.94
CA PHE A 296 -0.85 -3.41 -15.92
C PHE A 296 -1.96 -2.86 -15.04
N GLY A 297 -3.18 -3.38 -15.21
CA GLY A 297 -4.35 -2.92 -14.49
C GLY A 297 -4.18 -3.08 -12.98
N GLU A 298 -3.61 -4.21 -12.56
CA GLU A 298 -3.37 -4.48 -11.15
C GLU A 298 -2.37 -3.47 -10.58
N PHE A 299 -1.33 -3.16 -11.35
CA PHE A 299 -0.31 -2.23 -10.89
C PHE A 299 -0.92 -0.83 -10.82
N PHE A 300 -1.64 -0.45 -11.88
CA PHE A 300 -2.30 0.83 -11.94
C PHE A 300 -3.17 1.04 -10.71
N SER A 301 -3.99 0.05 -10.37
CA SER A 301 -4.92 0.13 -9.26
C SER A 301 -4.16 0.37 -7.94
N MET A 302 -3.07 -0.38 -7.76
CA MET A 302 -2.31 -0.33 -6.53
C MET A 302 -1.58 1.02 -6.43
N HIS A 303 -1.03 1.51 -7.55
CA HIS A 303 -0.31 2.77 -7.56
C HIS A 303 -1.29 3.92 -7.31
N LEU A 304 -2.46 3.84 -7.95
CA LEU A 304 -3.52 4.82 -7.71
C LEU A 304 -3.89 4.86 -6.23
N GLN A 305 -4.12 3.69 -5.64
CA GLN A 305 -4.51 3.63 -4.24
C GLN A 305 -3.48 4.33 -3.36
N VAL A 306 -2.20 4.09 -3.63
CA VAL A 306 -1.10 4.65 -2.86
C VAL A 306 -1.04 6.17 -3.04
N LEU A 307 -1.16 6.64 -4.27
CA LEU A 307 -1.14 8.07 -4.54
C LEU A 307 -2.34 8.73 -3.88
N MLZ A 308 -3.48 8.04 -3.89
CA MLZ A 308 -4.73 8.57 -3.37
CB MLZ A 308 -5.89 7.66 -3.82
CG MLZ A 308 -7.30 8.11 -3.48
CD MLZ A 308 -8.36 7.16 -4.05
CE MLZ A 308 -9.80 7.60 -3.84
NZ MLZ A 308 -10.23 7.60 -2.43
CM MLZ A 308 -9.90 6.40 -1.64
C MLZ A 308 -4.62 8.72 -1.85
O MLZ A 308 -5.03 9.75 -1.30
N GLN A 309 -4.02 7.72 -1.20
CA GLN A 309 -3.74 7.73 0.24
C GLN A 309 -2.83 8.90 0.62
N MLZ A 310 -1.77 9.12 -0.19
CA MLZ A 310 -0.83 10.21 0.06
CA MLZ A 310 -0.83 10.21 0.06
CB MLZ A 310 0.35 10.09 -0.91
CB MLZ A 310 0.35 10.11 -0.91
CG MLZ A 310 1.28 11.30 -0.99
CG MLZ A 310 1.31 11.28 -0.94
CD MLZ A 310 2.01 11.64 0.29
CD MLZ A 310 1.97 11.61 0.40
CE MLZ A 310 3.18 12.58 0.03
CE MLZ A 310 3.14 12.57 0.20
NZ MLZ A 310 3.69 13.20 1.26
NZ MLZ A 310 3.51 13.29 1.43
CM MLZ A 310 4.57 14.35 0.99
CM MLZ A 310 3.64 12.47 2.64
C MLZ A 310 -1.55 11.55 -0.05
O MLZ A 310 -1.39 12.43 0.81
N ARG A 311 -2.34 11.73 -1.10
CA ARG A 311 -3.06 12.97 -1.30
C ARG A 311 -3.96 13.26 -0.09
N ARG A 312 -4.67 12.23 0.37
CA ARG A 312 -5.58 12.36 1.50
C ARG A 312 -4.79 12.77 2.75
N LEU A 313 -3.66 12.09 3.00
CA LEU A 313 -2.83 12.37 4.15
C LEU A 313 -2.35 13.82 4.12
N ASP A 314 -1.85 14.26 2.96
CA ASP A 314 -1.34 15.61 2.81
C ASP A 314 -2.44 16.64 3.09
N THR A 315 -3.67 16.36 2.63
CA THR A 315 -4.78 17.28 2.78
C THR A 315 -5.18 17.38 4.27
N ILE A 316 -5.24 16.24 4.96
CA ILE A 316 -5.58 16.23 6.38
C ILE A 316 -4.49 16.95 7.17
N ASN A 317 -3.21 16.69 6.84
CA ASN A 317 -2.10 17.29 7.55
C ASN A 317 -2.09 18.81 7.32
N HIS A 318 -2.45 19.23 6.09
CA HIS A 318 -2.54 20.64 5.76
C HIS A 318 -3.56 21.33 6.67
N ALA A 319 -4.72 20.69 6.86
CA ALA A 319 -5.78 21.22 7.71
C ALA A 319 -5.32 21.31 9.16
N HIS A 320 -4.71 20.23 9.69
CA HIS A 320 -4.21 20.22 11.05
C HIS A 320 -3.21 21.35 11.27
N ALA A 321 -2.30 21.56 10.32
CA ALA A 321 -1.29 22.60 10.42
C ALA A 321 -1.95 23.98 10.49
N ALA A 322 -2.94 24.21 9.62
CA ALA A 322 -3.65 25.47 9.54
C ALA A 322 -4.41 25.75 10.85
N LEU A 323 -5.10 24.72 11.35
CA LEU A 323 -5.91 24.85 12.55
C LEU A 323 -5.02 25.09 13.76
N ASP A 324 -3.85 24.44 13.80
CA ASP A 324 -2.88 24.66 14.86
C ASP A 324 -2.39 26.11 14.85
N ARG A 325 -2.15 26.65 13.65
CA ARG A 325 -1.79 28.05 13.52
C ARG A 325 -2.91 28.92 14.10
N PHE A 326 -4.16 28.55 13.81
CA PHE A 326 -5.30 29.33 14.27
C PHE A 326 -5.39 29.29 15.80
N LEU A 327 -5.18 28.11 16.39
CA LEU A 327 -5.20 27.96 17.84
C LEU A 327 -4.13 28.85 18.49
N ARG A 328 -2.92 28.83 17.95
CA ARG A 328 -1.82 29.64 18.47
C ARG A 328 -2.15 31.13 18.34
N LEU A 329 -2.71 31.51 17.20
CA LEU A 329 -3.09 32.88 16.93
C LEU A 329 -4.13 33.36 17.96
N ALA A 330 -5.14 32.52 18.19
CA ALA A 330 -6.28 32.85 19.03
C ALA A 330 -5.86 33.05 20.49
N ALA A 331 -4.79 32.36 20.91
CA ALA A 331 -4.35 32.42 22.29
C ALA A 331 -4.01 33.85 22.71
N HIS A 332 -3.66 34.72 21.76
CA HIS A 332 -3.31 36.09 22.11
C HIS A 332 -4.36 37.09 21.62
N HIS A 333 -5.61 36.63 21.45
CA HIS A 333 -6.72 37.51 21.11
C HIS A 333 -7.75 37.52 22.25
N ALA A 334 -8.07 38.72 22.75
CA ALA A 334 -9.10 38.90 23.76
C ALA A 334 -10.49 38.71 23.14
N ASN A 335 -10.64 39.10 21.87
CA ASN A 335 -11.94 39.08 21.21
C ASN A 335 -11.91 38.02 20.12
N ILE A 336 -12.56 36.88 20.39
CA ILE A 336 -12.52 35.74 19.50
C ILE A 336 -13.50 35.95 18.34
N GLU A 337 -14.65 36.55 18.62
CA GLU A 337 -15.62 36.85 17.57
C GLU A 337 -14.96 37.71 16.49
N GLU A 338 -14.25 38.76 16.93
CA GLU A 338 -13.55 39.66 16.03
C GLU A 338 -12.52 38.89 15.20
N LEU A 339 -11.72 38.04 15.87
CA LEU A 339 -10.71 37.26 15.18
C LEU A 339 -11.35 36.43 14.08
N LEU A 340 -12.53 35.86 14.37
CA LEU A 340 -13.18 34.97 13.42
C LEU A 340 -13.80 35.77 12.27
N VAL A 341 -14.31 36.97 12.56
CA VAL A 341 -14.78 37.89 11.53
C VAL A 341 -13.64 38.25 10.58
N ASP A 342 -12.42 38.40 11.12
CA ASP A 342 -11.28 38.78 10.31
C ASP A 342 -10.68 37.57 9.57
N SER A 343 -10.94 36.36 10.06
CA SER A 343 -10.16 35.18 9.67
C SER A 343 -10.96 34.15 8.86
N PHE A 344 -12.29 34.22 8.92
CA PHE A 344 -13.13 33.09 8.51
C PHE A 344 -12.87 32.70 7.05
N GLN A 345 -12.50 33.67 6.19
CA GLN A 345 -12.31 33.41 4.78
C GLN A 345 -11.19 32.39 4.56
N ASP A 346 -10.20 32.40 5.46
CA ASP A 346 -9.08 31.48 5.35
C ASP A 346 -9.51 30.02 5.51
N PHE A 347 -10.63 29.78 6.22
CA PHE A 347 -11.09 28.43 6.47
C PHE A 347 -11.52 27.76 5.16
N ALA A 348 -11.82 28.56 4.13
CA ALA A 348 -12.17 28.02 2.81
C ALA A 348 -11.03 27.18 2.23
N ASP A 349 -9.79 27.40 2.69
CA ASP A 349 -8.66 26.66 2.16
C ASP A 349 -8.57 25.26 2.78
N LEU A 350 -9.40 24.93 3.77
CA LEU A 350 -9.33 23.64 4.45
C LEU A 350 -9.84 22.51 3.56
N MET A 351 -10.82 22.81 2.70
CA MET A 351 -11.46 21.79 1.89
C MET A 351 -12.03 22.44 0.64
N PRO A 352 -12.28 21.69 -0.44
CA PRO A 352 -12.88 22.27 -1.65
C PRO A 352 -14.24 22.89 -1.34
N CYS A 353 -14.40 24.17 -1.72
CA CYS A 353 -15.66 24.87 -1.56
C CYS A 353 -15.66 26.10 -2.47
N ASP A 354 -16.86 26.63 -2.73
CA ASP A 354 -17.02 27.80 -3.57
C ASP A 354 -17.33 29.04 -2.74
N GLY A 355 -17.69 28.81 -1.48
CA GLY A 355 -17.98 29.92 -0.57
C GLY A 355 -17.84 29.47 0.87
N VAL A 356 -17.72 30.45 1.77
CA VAL A 356 -17.67 30.19 3.19
C VAL A 356 -18.27 31.40 3.87
N GLY A 357 -18.83 31.20 5.08
CA GLY A 357 -19.38 32.31 5.82
C GLY A 357 -19.46 32.03 7.31
N LEU A 358 -19.58 33.12 8.06
CA LEU A 358 -19.65 33.07 9.51
C LEU A 358 -20.97 33.67 9.94
N TRP A 359 -21.71 32.89 10.74
CA TRP A 359 -23.02 33.28 11.25
C TRP A 359 -22.94 33.26 12.78
N VAL A 360 -22.71 34.45 13.37
CA VAL A 360 -22.49 34.58 14.79
C VAL A 360 -23.34 35.73 15.31
N GLY A 361 -24.12 35.47 16.36
CA GLY A 361 -24.99 36.46 16.96
C GLY A 361 -25.89 37.13 15.91
N ASN A 362 -26.43 36.33 15.00
CA ASN A 362 -27.37 36.77 13.98
C ASN A 362 -26.73 37.80 13.04
N ASN A 363 -25.41 37.80 12.93
CA ASN A 363 -24.72 38.63 11.96
C ASN A 363 -23.99 37.73 10.96
N TRP A 364 -24.11 38.07 9.68
CA TRP A 364 -23.57 37.27 8.58
C TRP A 364 -22.32 37.93 8.01
N HIS A 365 -21.30 37.11 7.79
CA HIS A 365 -20.11 37.50 7.06
C HIS A 365 -19.86 36.40 6.03
N GLY A 366 -19.78 36.79 4.74
CA GLY A 366 -19.66 35.84 3.66
C GLY A 366 -18.43 36.11 2.80
N HIS A 367 -17.97 35.04 2.11
CA HIS A 367 -16.90 35.15 1.15
C HIS A 367 -17.14 34.12 0.04
N GLY A 368 -16.96 34.54 -1.21
CA GLY A 368 -17.17 33.67 -2.36
C GLY A 368 -18.66 33.51 -2.66
N ALA A 369 -19.02 32.34 -3.20
CA ALA A 369 -20.39 32.03 -3.56
C ALA A 369 -21.16 31.51 -2.35
N THR A 370 -22.09 32.32 -1.85
CA THR A 370 -22.92 31.95 -0.72
C THR A 370 -24.37 32.30 -1.04
N PRO A 371 -25.34 31.79 -0.25
CA PRO A 371 -26.71 32.30 -0.31
C PRO A 371 -26.74 33.77 0.09
N PRO A 372 -27.79 34.52 -0.30
CA PRO A 372 -27.93 35.92 0.12
C PRO A 372 -28.12 36.04 1.63
N HIS A 373 -27.79 37.23 2.12
CA HIS A 373 -27.81 37.58 3.54
CA HIS A 373 -27.77 37.51 3.56
C HIS A 373 -29.09 37.06 4.20
N ASP A 374 -30.22 37.35 3.56
CA ASP A 374 -31.54 37.09 4.14
C ASP A 374 -31.90 35.61 4.18
N ALA A 375 -31.14 34.75 3.48
CA ALA A 375 -31.41 33.33 3.42
C ALA A 375 -30.81 32.58 4.61
N ILE A 376 -29.85 33.20 5.31
CA ILE A 376 -29.01 32.48 6.27
C ILE A 376 -29.82 32.08 7.51
N PRO A 377 -30.66 32.96 8.10
CA PRO A 377 -31.50 32.55 9.23
C PRO A 377 -32.17 31.19 9.07
N ARG A 378 -32.83 30.99 7.91
CA ARG A 378 -33.56 29.76 7.63
C ARG A 378 -32.61 28.56 7.64
N LEU A 379 -31.42 28.72 7.04
CA LEU A 379 -30.44 27.65 7.00
C LEU A 379 -29.98 27.32 8.42
N ALA A 380 -29.64 28.35 9.19
CA ALA A 380 -29.14 28.16 10.55
C ALA A 380 -30.20 27.47 11.41
N ARG A 381 -31.45 27.91 11.28
CA ARG A 381 -32.58 27.29 11.96
C ARG A 381 -32.66 25.81 11.60
N PHE A 382 -32.52 25.48 10.31
CA PHE A 382 -32.68 24.11 9.86
C PHE A 382 -31.60 23.23 10.45
N VAL A 383 -30.34 23.73 10.49
CA VAL A 383 -29.23 22.94 10.99
C VAL A 383 -29.41 22.71 12.49
N ALA A 384 -29.86 23.73 13.20
CA ALA A 384 -30.11 23.64 14.63
C ALA A 384 -31.10 22.51 14.93
N SER A 385 -32.10 22.32 14.05
CA SER A 385 -33.11 21.29 14.21
C SER A 385 -32.57 19.92 13.84
N ALA A 386 -31.74 19.85 12.79
CA ALA A 386 -31.33 18.59 12.19
C ALA A 386 -30.06 18.03 12.82
N SER A 387 -29.20 18.90 13.34
CA SER A 387 -27.90 18.49 13.88
C SER A 387 -28.04 18.08 15.35
N GLU A 388 -27.12 17.22 15.80
CA GLU A 388 -27.02 16.84 17.20
C GLU A 388 -25.74 17.44 17.80
N GLY A 389 -25.25 18.53 17.20
CA GLY A 389 -24.08 19.25 17.72
C GLY A 389 -22.78 18.85 17.03
N ARG A 390 -22.86 17.99 16.00
CA ARG A 390 -21.71 17.69 15.17
C ARG A 390 -21.91 18.35 13.80
N VAL A 391 -20.97 18.10 12.89
CA VAL A 391 -21.07 18.66 11.55
C VAL A 391 -22.35 18.15 10.90
N TRP A 392 -23.05 19.04 10.19
CA TRP A 392 -24.16 18.67 9.33
C TRP A 392 -23.88 19.12 7.91
N ALA A 393 -24.08 18.24 6.92
CA ALA A 393 -23.76 18.60 5.55
C ALA A 393 -24.69 17.92 4.55
N THR A 394 -25.02 18.64 3.47
CA THR A 394 -25.82 18.13 2.38
C THR A 394 -25.29 18.69 1.06
N HIS A 395 -25.43 17.91 -0.01
CA HIS A 395 -25.13 18.36 -1.36
C HIS A 395 -26.41 18.62 -2.15
N ALA A 396 -27.55 18.71 -1.45
CA ALA A 396 -28.84 18.91 -2.11
C ALA A 396 -29.73 19.79 -1.23
N LEU A 397 -29.36 21.07 -1.11
CA LEU A 397 -29.99 21.98 -0.17
C LEU A 397 -31.50 22.06 -0.38
N SER A 398 -31.94 22.10 -1.64
CA SER A 398 -33.35 22.34 -1.93
C SER A 398 -34.22 21.19 -1.44
N GLN A 399 -33.64 19.98 -1.32
CA GLN A 399 -34.36 18.84 -0.78
C GLN A 399 -34.64 19.03 0.71
N ALA A 400 -33.72 19.69 1.41
CA ALA A 400 -33.90 19.97 2.83
C ALA A 400 -34.77 21.21 3.01
N ILE A 401 -34.59 22.20 2.14
CA ILE A 401 -35.17 23.51 2.30
C ILE A 401 -35.64 24.01 0.93
N PRO A 402 -36.91 23.74 0.54
CA PRO A 402 -37.41 24.07 -0.81
C PRO A 402 -37.03 25.45 -1.35
N GLU A 403 -37.07 26.47 -0.49
CA GLU A 403 -36.82 27.84 -0.93
C GLU A 403 -35.34 28.01 -1.30
N ALA A 404 -34.48 27.05 -0.93
CA ALA A 404 -33.07 27.11 -1.29
C ALA A 404 -32.89 26.98 -2.80
N GLU A 405 -33.92 26.52 -3.52
CA GLU A 405 -33.85 26.35 -4.97
C GLU A 405 -33.49 27.67 -5.66
N ILE A 406 -33.98 28.80 -5.16
CA ILE A 406 -33.80 30.07 -5.86
C ILE A 406 -32.32 30.40 -6.02
N TYR A 407 -31.49 30.04 -5.03
CA TYR A 407 -30.07 30.40 -5.08
C TYR A 407 -29.19 29.16 -5.33
N ALA A 408 -29.77 28.08 -5.85
CA ALA A 408 -29.05 26.85 -6.12
C ALA A 408 -27.88 27.08 -7.06
N GLY A 409 -28.07 27.96 -8.06
CA GLY A 409 -27.00 28.33 -8.97
C GLY A 409 -25.74 28.75 -8.23
N THR A 410 -25.92 29.50 -7.14
CA THR A 410 -24.81 30.03 -6.37
C THR A 410 -24.37 29.04 -5.29
N ALA A 411 -25.34 28.43 -4.59
CA ALA A 411 -25.03 27.54 -3.49
C ALA A 411 -26.07 26.43 -3.40
N ALA A 412 -25.68 25.21 -3.83
CA ALA A 412 -26.55 24.04 -3.85
C ALA A 412 -26.21 23.06 -2.73
N GLY A 413 -25.01 23.20 -2.15
CA GLY A 413 -24.57 22.32 -1.08
C GLY A 413 -24.03 23.14 0.08
N MET A 414 -24.26 22.64 1.31
CA MET A 414 -23.82 23.33 2.50
C MET A 414 -23.27 22.33 3.51
N LEU A 415 -22.14 22.68 4.12
CA LEU A 415 -21.62 21.99 5.29
C LEU A 415 -21.54 23.00 6.43
N ALA A 416 -22.10 22.61 7.58
CA ALA A 416 -22.25 23.50 8.72
C ALA A 416 -21.44 22.97 9.89
N ILE A 417 -20.56 23.81 10.44
CA ILE A 417 -19.78 23.48 11.62
C ILE A 417 -20.34 24.29 12.78
N PRO A 418 -20.94 23.63 13.80
CA PRO A 418 -21.45 24.34 14.98
C PRO A 418 -20.33 24.96 15.80
N LEU A 419 -20.55 26.18 16.28
CA LEU A 419 -19.57 26.92 17.05
C LEU A 419 -19.97 26.96 18.53
N SER A 420 -21.09 26.33 18.87
CA SER A 420 -21.66 26.37 20.22
C SER A 420 -22.80 25.36 20.32
N GLN A 421 -23.01 24.78 21.52
CA GLN A 421 -24.12 23.88 21.76
C GLN A 421 -25.33 24.63 22.33
N VAL A 422 -25.15 25.90 22.70
CA VAL A 422 -26.23 26.67 23.33
C VAL A 422 -26.70 27.80 22.42
N LYS A 423 -25.94 28.12 21.35
CA LYS A 423 -26.26 29.20 20.45
C LYS A 423 -26.20 28.69 19.01
N SER A 424 -27.04 29.27 18.15
CA SER A 424 -27.16 28.84 16.76
C SER A 424 -26.14 29.57 15.88
N ASP A 425 -24.86 29.44 16.26
CA ASP A 425 -23.75 30.07 15.55
C ASP A 425 -23.01 29.01 14.76
N TYR A 426 -22.61 29.36 13.52
CA TYR A 426 -22.07 28.39 12.59
C TYR A 426 -20.97 29.00 11.72
N LEU A 427 -20.01 28.13 11.38
CA LEU A 427 -19.15 28.33 10.22
C LEU A 427 -19.72 27.46 9.09
N LEU A 428 -20.06 28.11 7.96
CA LEU A 428 -20.78 27.50 6.86
C LEU A 428 -19.90 27.46 5.61
N PHE A 429 -19.85 26.28 4.99
CA PHE A 429 -19.18 26.09 3.72
C PHE A 429 -20.21 25.79 2.64
N PHE A 430 -19.98 26.31 1.42
CA PHE A 430 -20.95 26.18 0.35
C PHE A 430 -20.26 25.69 -0.91
N ARG A 431 -21.04 24.99 -1.74
CA ARG A 431 -20.63 24.59 -3.07
C ARG A 431 -21.74 24.92 -4.05
N MLZ A 432 -21.31 25.33 -5.25
CA MLZ A 432 -22.20 25.60 -6.35
CB MLZ A 432 -21.43 26.27 -7.50
CG MLZ A 432 -20.91 27.67 -7.25
CD MLZ A 432 -20.04 28.17 -8.40
CE MLZ A 432 -19.45 29.56 -8.19
NZ MLZ A 432 -18.58 29.93 -9.32
CM MLZ A 432 -17.42 29.06 -9.50
C MLZ A 432 -22.82 24.31 -6.87
O MLZ A 432 -22.30 23.21 -6.68
N GLU A 433 -23.94 24.49 -7.57
CA GLU A 433 -24.52 23.44 -8.40
C GLU A 433 -23.43 22.86 -9.28
N ILE A 434 -23.36 21.53 -9.33
CA ILE A 434 -22.23 20.83 -9.94
C ILE A 434 -22.13 21.18 -11.43
N VAL A 435 -23.26 21.47 -12.09
CA VAL A 435 -23.22 21.75 -13.52
CA VAL A 435 -23.26 21.76 -13.51
C VAL A 435 -22.48 23.05 -13.77
N GLN A 436 -22.44 23.96 -12.79
CA GLN A 436 -21.78 25.25 -12.93
C GLN A 436 -20.26 25.10 -12.94
N ASN A 437 -19.74 24.00 -12.39
CA ASN A 437 -18.30 23.80 -12.29
C ASN A 437 -17.79 22.87 -13.39
N LEU A 438 -18.66 22.55 -14.36
CA LEU A 438 -18.31 21.65 -15.45
CA LEU A 438 -18.32 21.66 -15.47
C LEU A 438 -17.11 22.21 -16.22
N ASN A 439 -16.25 21.30 -16.67
CA ASN A 439 -15.16 21.64 -17.59
C ASN A 439 -15.18 20.61 -18.71
N TRP A 440 -16.19 20.71 -19.57
CA TRP A 440 -16.45 19.73 -20.62
C TRP A 440 -15.72 20.14 -21.90
N ALA A 441 -14.94 19.22 -22.46
CA ALA A 441 -14.10 19.50 -23.61
C ALA A 441 -14.81 19.12 -24.92
N GLY A 442 -16.05 18.64 -24.81
CA GLY A 442 -16.75 18.06 -25.95
C GLY A 442 -17.43 19.11 -26.81
N ASN A 443 -18.10 18.62 -27.86
CA ASN A 443 -18.65 19.45 -28.93
C ASN A 443 -20.18 19.41 -28.83
N PRO A 444 -20.84 20.50 -28.40
CA PRO A 444 -22.30 20.49 -28.30
C PRO A 444 -23.02 20.34 -29.63
N GLU A 445 -22.29 20.49 -30.74
CA GLU A 445 -22.86 20.38 -32.09
C GLU A 445 -22.86 18.93 -32.58
N MLZ A 446 -22.03 18.08 -31.96
CA MLZ A 446 -21.88 16.70 -32.41
CB MLZ A 446 -20.67 16.04 -31.71
CG MLZ A 446 -20.56 14.54 -31.86
CD MLZ A 446 -20.38 14.06 -33.29
CE MLZ A 446 -20.43 12.54 -33.39
NZ MLZ A 446 -20.39 12.09 -34.79
CM MLZ A 446 -20.71 10.66 -34.92
C MLZ A 446 -23.18 15.93 -32.14
O MLZ A 446 -23.68 15.94 -31.02
N SER A 447 -23.69 15.27 -33.18
CA SER A 447 -24.93 14.53 -33.10
C SER A 447 -24.69 13.06 -33.41
N TYR A 448 -25.63 12.21 -33.00
CA TYR A 448 -25.51 10.77 -33.14
C TYR A 448 -26.72 10.20 -33.88
N GLU A 449 -26.44 9.27 -34.78
CA GLU A 449 -27.48 8.42 -35.35
C GLU A 449 -28.03 7.53 -34.24
N THR A 450 -29.24 7.01 -34.43
CA THR A 450 -29.88 6.15 -33.44
C THR A 450 -30.45 4.92 -34.14
N GLY A 451 -30.69 3.88 -33.36
CA GLY A 451 -31.38 2.68 -33.82
C GLY A 451 -32.79 2.63 -33.24
N PRO A 452 -33.44 1.44 -33.24
CA PRO A 452 -34.80 1.27 -32.74
C PRO A 452 -35.13 1.81 -31.34
N MET A 453 -34.15 1.82 -30.44
CA MET A 453 -34.38 2.24 -29.06
C MET A 453 -34.37 3.76 -28.95
N GLY A 454 -33.87 4.47 -29.96
CA GLY A 454 -33.92 5.93 -30.00
C GLY A 454 -32.72 6.59 -29.33
N ASP A 455 -32.87 7.87 -28.97
CA ASP A 455 -31.74 8.72 -28.64
C ASP A 455 -31.20 8.45 -27.23
N ARG A 456 -31.92 7.65 -26.43
CA ARG A 456 -31.46 7.29 -25.10
C ARG A 456 -30.03 6.74 -25.14
N LEU A 457 -29.71 5.98 -26.19
CA LEU A 457 -28.44 5.28 -26.27
C LEU A 457 -27.42 6.12 -27.05
N THR A 458 -27.23 7.37 -26.63
CA THR A 458 -26.23 8.25 -27.23
C THR A 458 -25.52 9.02 -26.12
N PRO A 459 -24.23 9.33 -26.28
CA PRO A 459 -23.51 10.17 -25.31
C PRO A 459 -24.20 11.50 -25.00
N ARG A 460 -24.84 12.11 -26.02
CA ARG A 460 -25.50 13.39 -25.84
C ARG A 460 -26.64 13.25 -24.85
N LYS A 461 -27.47 12.21 -25.01
CA LYS A 461 -28.62 12.00 -24.14
C LYS A 461 -28.16 11.53 -22.75
N SER A 462 -27.15 10.65 -22.71
CA SER A 462 -26.57 10.24 -21.44
C SER A 462 -26.19 11.47 -20.61
N PHE A 463 -25.48 12.42 -21.23
CA PHE A 463 -24.99 13.59 -20.52
C PHE A 463 -26.17 14.41 -20.02
N ALA A 464 -27.18 14.62 -20.88
CA ALA A 464 -28.36 15.37 -20.49
C ALA A 464 -29.07 14.71 -19.31
N ILE A 465 -29.17 13.37 -19.33
CA ILE A 465 -29.81 12.63 -18.25
C ILE A 465 -29.04 12.86 -16.95
N TRP A 466 -27.70 12.76 -17.03
CA TRP A 466 -26.89 13.00 -15.85
C TRP A 466 -27.18 14.39 -15.27
N MLZ A 467 -27.20 15.42 -16.14
CA MLZ A 467 -27.40 16.78 -15.68
CA MLZ A 467 -27.40 16.78 -15.68
CB MLZ A 467 -27.38 17.77 -16.84
CB MLZ A 467 -27.38 17.76 -16.87
CG MLZ A 467 -26.04 17.96 -17.53
CG MLZ A 467 -26.03 18.00 -17.50
CD MLZ A 467 -26.08 18.96 -18.67
CD MLZ A 467 -26.04 19.04 -18.60
CE MLZ A 467 -24.73 19.09 -19.37
CE MLZ A 467 -24.67 19.22 -19.24
NZ MLZ A 467 -24.79 20.01 -20.51
NZ MLZ A 467 -24.70 20.23 -20.32
CM MLZ A 467 -23.46 20.39 -21.01
CM MLZ A 467 -25.06 21.59 -19.86
C MLZ A 467 -28.71 16.88 -14.90
O MLZ A 467 -28.79 17.59 -13.89
N GLU A 468 -29.74 16.18 -15.39
CA GLU A 468 -31.03 16.18 -14.73
C GLU A 468 -30.93 15.48 -13.37
N THR A 469 -30.15 14.40 -13.26
CA THR A 469 -30.01 13.70 -11.99
C THR A 469 -29.34 14.57 -10.93
N VAL A 470 -28.53 15.57 -11.34
CA VAL A 470 -27.78 16.34 -10.35
C VAL A 470 -28.26 17.80 -10.33
N ARG A 471 -29.42 18.07 -10.94
CA ARG A 471 -29.95 19.43 -10.96
C ARG A 471 -30.22 19.84 -9.51
N LEU A 472 -29.80 21.07 -9.17
CA LEU A 472 -29.96 21.65 -7.85
C LEU A 472 -29.03 21.00 -6.82
N GLN A 473 -28.06 20.20 -7.27
CA GLN A 473 -27.17 19.50 -6.36
CA GLN A 473 -27.17 19.49 -6.37
C GLN A 473 -25.73 19.93 -6.59
N ALA A 474 -24.91 19.78 -5.55
CA ALA A 474 -23.49 20.09 -5.60
C ALA A 474 -22.69 18.79 -5.51
N GLN A 475 -21.37 18.93 -5.62
CA GLN A 475 -20.44 17.84 -5.37
C GLN A 475 -20.60 17.39 -3.92
N PRO A 476 -20.76 16.07 -3.65
CA PRO A 476 -20.91 15.60 -2.28
C PRO A 476 -19.71 15.92 -1.40
N TRP A 477 -19.99 16.21 -0.12
CA TRP A 477 -18.97 16.34 0.89
C TRP A 477 -18.40 14.95 1.20
N SER A 478 -17.15 14.73 0.83
CA SER A 478 -16.49 13.44 0.96
C SER A 478 -16.26 13.10 2.42
N GLU A 479 -15.85 11.85 2.68
CA GLU A 479 -15.47 11.43 4.01
C GLU A 479 -14.27 12.25 4.49
N ALA A 480 -13.36 12.60 3.56
CA ALA A 480 -12.21 13.41 3.88
C ALA A 480 -12.62 14.83 4.27
N ASP A 481 -13.55 15.42 3.50
CA ASP A 481 -14.08 16.76 3.78
C ASP A 481 -14.67 16.79 5.19
N ARG A 482 -15.40 15.72 5.56
CA ARG A 482 -16.09 15.65 6.83
C ARG A 482 -15.09 15.48 7.97
N GLU A 483 -13.99 14.76 7.72
CA GLU A 483 -12.94 14.62 8.73
C GLU A 483 -12.33 15.98 9.00
N ILE A 484 -12.05 16.74 7.94
CA ILE A 484 -11.47 18.06 8.06
C ILE A 484 -12.42 18.97 8.83
N ALA A 485 -13.72 18.88 8.51
CA ALA A 485 -14.73 19.71 9.17
C ALA A 485 -14.76 19.38 10.66
N GLU A 486 -14.61 18.10 11.01
CA GLU A 486 -14.64 17.68 12.40
C GLU A 486 -13.39 18.21 13.10
N ALA A 487 -12.24 18.15 12.43
CA ALA A 487 -11.01 18.73 12.97
C ALA A 487 -11.21 20.21 13.29
N ALA A 488 -11.87 20.93 12.36
CA ALA A 488 -12.12 22.35 12.55
C ALA A 488 -13.06 22.58 13.72
N ARG A 489 -14.14 21.78 13.81
CA ARG A 489 -15.10 21.90 14.89
C ARG A 489 -14.40 21.81 16.25
N ILE A 490 -13.53 20.82 16.42
CA ILE A 490 -12.89 20.54 17.70
CA ILE A 490 -12.94 20.57 17.72
C ILE A 490 -11.85 21.61 17.98
N ALA A 491 -11.17 22.08 16.93
CA ALA A 491 -10.22 23.17 17.07
C ALA A 491 -10.91 24.43 17.60
N LEU A 492 -12.09 24.74 17.04
CA LEU A 492 -12.85 25.91 17.46
C LEU A 492 -13.41 25.74 18.87
N VAL A 493 -13.79 24.50 19.25
CA VAL A 493 -14.22 24.23 20.61
C VAL A 493 -13.07 24.59 21.55
N GLU A 494 -11.86 24.17 21.18
CA GLU A 494 -10.68 24.39 21.99
C GLU A 494 -10.41 25.89 22.11
N VAL A 495 -10.52 26.62 21.00
CA VAL A 495 -10.36 28.06 21.02
C VAL A 495 -11.33 28.65 22.03
N ALA A 496 -12.62 28.26 21.96
CA ALA A 496 -13.64 28.79 22.84
C ALA A 496 -13.32 28.44 24.29
N PHE A 497 -12.85 27.21 24.53
CA PHE A 497 -12.61 26.74 25.88
C PHE A 497 -11.45 27.51 26.50
N HIS A 498 -10.32 27.60 25.78
CA HIS A 498 -9.13 28.24 26.34
C HIS A 498 -9.42 29.71 26.60
N HIS A 499 -10.29 30.30 25.76
CA HIS A 499 -10.70 31.68 25.96
CA HIS A 499 -10.70 31.68 25.95
C HIS A 499 -11.47 31.82 27.27
N SER A 500 -12.37 30.86 27.52
CA SER A 500 -13.18 30.86 28.73
CA SER A 500 -13.18 30.87 28.73
C SER A 500 -12.30 30.63 29.95
N GLU A 501 -11.26 29.81 29.80
CA GLU A 501 -10.32 29.53 30.89
C GLU A 501 -9.68 30.83 31.36
N HIS A 502 -9.12 31.60 30.42
CA HIS A 502 -8.57 32.91 30.71
C HIS A 502 -9.70 33.93 30.65
N HIS A 503 -9.36 35.22 30.52
CA HIS A 503 -10.36 36.26 30.27
C HIS A 503 -11.58 36.06 31.18
N TYR B 6 47.09 -0.33 8.82
CA TYR B 6 45.71 -0.24 9.40
C TYR B 6 45.25 -1.64 9.84
N HIS B 7 44.67 -1.70 11.04
CA HIS B 7 44.02 -2.90 11.55
C HIS B 7 42.75 -2.49 12.28
N VAL B 8 41.65 -3.19 12.01
CA VAL B 8 40.39 -2.91 12.69
C VAL B 8 40.44 -3.53 14.08
N ASP B 9 39.92 -2.80 15.08
CA ASP B 9 39.73 -3.34 16.42
C ASP B 9 38.49 -2.71 17.03
N LEU B 10 38.25 -2.94 18.32
CA LEU B 10 37.03 -2.49 18.96
C LEU B 10 37.00 -0.96 19.08
N THR B 11 38.16 -0.30 18.99
CA THR B 11 38.23 1.15 19.15
C THR B 11 37.84 1.86 17.85
N ASN B 12 37.99 1.20 16.68
CA ASN B 12 37.75 1.88 15.41
C ASN B 12 36.77 1.15 14.49
N CYS B 13 36.17 0.04 14.97
CA CYS B 13 35.32 -0.76 14.09
C CYS B 13 34.05 0.01 13.72
N ASP B 14 33.68 1.04 14.51
CA ASP B 14 32.53 1.87 14.20
C ASP B 14 32.70 2.61 12.86
N ARG B 15 33.93 2.73 12.35
CA ARG B 15 34.16 3.43 11.10
C ARG B 15 35.02 2.59 10.14
N GLU B 16 35.02 1.27 10.30
CA GLU B 16 35.76 0.40 9.40
C GLU B 16 35.26 0.60 7.97
N PRO B 17 36.17 0.81 6.98
CA PRO B 17 35.76 0.99 5.58
C PRO B 17 35.46 -0.35 4.93
N ILE B 18 34.31 -0.92 5.31
CA ILE B 18 33.95 -2.29 4.96
C ILE B 18 33.56 -2.41 3.49
N HIS B 19 33.41 -1.27 2.80
CA HIS B 19 33.13 -1.27 1.37
C HIS B 19 34.37 -1.53 0.51
N ILE B 20 35.57 -1.33 1.06
CA ILE B 20 36.81 -1.43 0.29
C ILE B 20 37.81 -2.36 0.99
N PRO B 21 37.43 -3.62 1.30
CA PRO B 21 38.32 -4.53 2.03
C PRO B 21 39.51 -5.04 1.22
N GLY B 22 39.38 -5.06 -0.11
CA GLY B 22 40.44 -5.52 -0.98
C GLY B 22 40.38 -7.03 -1.21
N TYR B 23 39.31 -7.68 -0.74
CA TYR B 23 39.19 -9.13 -0.82
C TYR B 23 37.76 -9.51 -1.19
N ILE B 24 37.62 -10.73 -1.71
CA ILE B 24 36.31 -11.34 -1.87
C ILE B 24 36.27 -12.65 -1.08
N GLN B 25 35.07 -13.19 -0.96
CA GLN B 25 34.86 -14.51 -0.39
C GLN B 25 35.13 -15.57 -1.47
N PRO B 26 35.48 -16.81 -1.10
CA PRO B 26 35.89 -17.82 -2.08
C PRO B 26 34.84 -18.60 -2.88
N HIS B 27 33.55 -18.30 -2.70
CA HIS B 27 32.50 -19.05 -3.36
C HIS B 27 32.22 -18.51 -4.77
N GLY B 28 32.93 -17.44 -5.15
CA GLY B 28 32.90 -16.94 -6.52
C GLY B 28 34.20 -16.24 -6.89
N CYS B 29 34.29 -15.74 -8.13
CA CYS B 29 35.41 -14.91 -8.53
C CYS B 29 34.88 -13.61 -9.12
N LEU B 30 35.75 -12.61 -9.21
CA LEU B 30 35.37 -11.26 -9.57
C LEU B 30 36.35 -10.69 -10.59
N ILE B 31 35.80 -10.08 -11.64
CA ILE B 31 36.58 -9.32 -12.61
C ILE B 31 36.04 -7.89 -12.61
N ALA B 32 36.97 -6.93 -12.53
CA ALA B 32 36.63 -5.52 -12.62
C ALA B 32 37.14 -4.96 -13.94
N CYS B 33 36.23 -4.35 -14.70
CA CYS B 33 36.54 -3.73 -15.98
C CYS B 33 36.26 -2.24 -15.93
N ASP B 34 36.71 -1.52 -16.97
CA ASP B 34 36.35 -0.13 -17.18
C ASP B 34 34.85 -0.05 -17.49
N ASN B 35 34.33 1.17 -17.51
CA ASN B 35 32.89 1.40 -17.55
C ASN B 35 32.30 0.91 -18.88
N ALA B 36 33.14 0.69 -19.89
CA ALA B 36 32.68 0.24 -21.20
C ALA B 36 32.89 -1.27 -21.39
N MET B 37 33.42 -1.94 -20.36
CA MET B 37 33.72 -3.36 -20.44
C MET B 37 34.63 -3.65 -21.64
N ARG B 38 35.67 -2.82 -21.79
CA ARG B 38 36.64 -2.99 -22.86
C ARG B 38 37.86 -3.73 -22.35
N MET B 39 38.33 -3.36 -21.14
CA MET B 39 39.58 -3.87 -20.62
CA MET B 39 39.60 -3.84 -20.61
C MET B 39 39.41 -4.35 -19.18
N VAL B 40 40.14 -5.42 -18.83
CA VAL B 40 40.18 -5.97 -17.48
C VAL B 40 41.20 -5.16 -16.67
N LEU B 41 40.73 -4.58 -15.56
CA LEU B 41 41.54 -3.72 -14.71
C LEU B 41 42.00 -4.47 -13.46
N ARG B 42 41.10 -5.28 -12.90
CA ARG B 42 41.43 -6.07 -11.72
C ARG B 42 40.72 -7.42 -11.77
N HIS B 43 41.21 -8.35 -10.96
CA HIS B 43 40.59 -9.66 -10.84
C HIS B 43 40.92 -10.26 -9.47
N SER B 44 40.02 -11.10 -8.97
CA SER B 44 40.31 -11.91 -7.81
C SER B 44 41.30 -13.01 -8.20
N GLU B 45 42.17 -13.36 -7.27
CA GLU B 45 43.26 -14.30 -7.51
C GLU B 45 42.73 -15.67 -7.97
N ASN B 46 41.47 -15.99 -7.63
CA ASN B 46 40.91 -17.31 -7.92
C ASN B 46 40.24 -17.37 -9.30
N CYS B 47 40.27 -16.27 -10.06
CA CYS B 47 39.67 -16.27 -11.39
C CYS B 47 40.29 -17.35 -12.26
N GLY B 48 41.62 -17.48 -12.17
CA GLY B 48 42.36 -18.46 -12.96
C GLY B 48 41.80 -19.86 -12.72
N GLU B 49 41.70 -20.25 -11.44
CA GLU B 49 41.25 -21.57 -11.07
C GLU B 49 39.77 -21.75 -11.43
N LEU B 50 38.94 -20.73 -11.15
CA LEU B 50 37.50 -20.89 -11.23
C LEU B 50 37.03 -20.88 -12.68
N LEU B 51 37.55 -19.96 -13.49
CA LEU B 51 37.09 -19.79 -14.86
C LEU B 51 37.99 -20.52 -15.85
N GLY B 52 39.14 -21.03 -15.38
CA GLY B 52 40.07 -21.72 -16.25
C GLY B 52 40.77 -20.76 -17.21
N LEU B 53 41.38 -19.71 -16.63
CA LEU B 53 42.13 -18.73 -17.40
C LEU B 53 43.61 -18.81 -17.02
N GLU B 54 44.48 -18.75 -18.03
CA GLU B 54 45.91 -18.78 -17.83
C GLU B 54 46.49 -17.39 -18.11
N GLY B 55 47.48 -16.98 -17.30
CA GLY B 55 48.19 -15.73 -17.50
C GLY B 55 47.53 -14.59 -16.73
N ASP B 56 48.30 -13.50 -16.53
CA ASP B 56 47.82 -12.32 -15.83
C ASP B 56 46.67 -11.71 -16.64
N LEU B 57 45.51 -11.52 -15.98
CA LEU B 57 44.29 -11.11 -16.66
C LEU B 57 44.29 -9.62 -16.90
N ASN B 58 44.93 -8.86 -16.00
CA ASN B 58 44.87 -7.40 -16.07
C ASN B 58 45.57 -6.93 -17.34
N GLY B 59 44.93 -5.99 -18.05
CA GLY B 59 45.48 -5.46 -19.28
C GLY B 59 44.85 -6.07 -20.53
N ARG B 60 44.28 -7.29 -20.40
CA ARG B 60 43.67 -7.97 -21.53
C ARG B 60 42.27 -7.38 -21.76
N THR B 61 41.76 -7.52 -22.99
CA THR B 61 40.41 -7.09 -23.31
C THR B 61 39.44 -8.06 -22.65
N ALA B 62 38.23 -7.59 -22.35
CA ALA B 62 37.19 -8.44 -21.78
C ALA B 62 36.83 -9.54 -22.78
N GLU B 63 36.82 -9.18 -24.07
CA GLU B 63 36.50 -10.11 -25.14
C GLU B 63 37.55 -11.23 -25.19
N ASP B 64 38.82 -10.88 -24.99
CA ASP B 64 39.89 -11.87 -24.99
C ASP B 64 39.68 -12.85 -23.84
N VAL B 65 39.39 -12.32 -22.65
CA VAL B 65 39.32 -13.13 -21.45
C VAL B 65 38.04 -13.97 -21.48
N LEU B 66 36.90 -13.37 -21.86
CA LEU B 66 35.59 -13.97 -21.66
C LEU B 66 34.95 -14.43 -22.98
N GLY B 67 35.52 -14.01 -24.13
CA GLY B 67 34.93 -14.29 -25.43
C GLY B 67 33.95 -13.20 -25.84
N MLZ B 68 33.87 -12.95 -27.15
CA MLZ B 68 33.07 -11.84 -27.67
CB MLZ B 68 33.30 -11.67 -29.18
CG MLZ B 68 34.66 -11.08 -29.56
CD MLZ B 68 34.88 -10.90 -31.06
CE MLZ B 68 36.34 -10.80 -31.49
NZ MLZ B 68 36.91 -9.46 -31.32
CM MLZ B 68 38.18 -9.27 -32.06
C MLZ B 68 31.59 -12.05 -27.36
O MLZ B 68 30.90 -11.11 -27.01
N LYS B 69 31.10 -13.29 -27.48
CA LYS B 69 29.69 -13.60 -27.26
C LYS B 69 29.28 -13.17 -25.84
N LEU B 70 30.03 -13.63 -24.84
CA LEU B 70 29.65 -13.39 -23.46
C LEU B 70 29.70 -11.89 -23.18
N VAL B 71 30.76 -11.22 -23.63
CA VAL B 71 30.90 -9.78 -23.42
C VAL B 71 29.73 -9.05 -24.07
N HIS B 72 29.36 -9.47 -25.28
CA HIS B 72 28.22 -8.90 -25.98
C HIS B 72 26.96 -9.03 -25.11
N ASP B 73 26.74 -10.23 -24.55
CA ASP B 73 25.56 -10.49 -23.74
C ASP B 73 25.59 -9.65 -22.46
N LEU B 74 26.77 -9.55 -21.84
CA LEU B 74 26.91 -8.80 -20.60
C LEU B 74 26.69 -7.31 -20.86
N ARG B 75 27.23 -6.80 -21.97
CA ARG B 75 27.03 -5.41 -22.36
C ARG B 75 25.54 -5.12 -22.54
N ASN B 76 24.83 -6.06 -23.19
CA ASN B 76 23.38 -5.94 -23.38
C ASN B 76 22.67 -5.85 -22.04
N ALA B 77 23.06 -6.70 -21.08
CA ALA B 77 22.41 -6.76 -19.79
C ALA B 77 22.64 -5.47 -19.01
N LEU B 78 23.77 -4.80 -19.28
CA LEU B 78 24.14 -3.58 -18.58
C LEU B 78 23.25 -2.43 -19.07
N THR B 79 22.70 -2.56 -20.28
CA THR B 79 21.79 -1.58 -20.84
C THR B 79 20.41 -1.73 -20.20
N VAL B 80 19.95 -2.99 -20.07
CA VAL B 80 18.64 -3.28 -19.50
C VAL B 80 18.77 -3.33 -17.97
N ARG B 86 20.04 -1.85 -8.98
CA ARG B 86 20.34 -3.24 -8.59
C ARG B 86 21.32 -3.85 -9.59
N PRO B 87 22.36 -4.60 -9.12
CA PRO B 87 23.13 -5.48 -9.99
C PRO B 87 22.25 -6.41 -10.80
N ALA B 88 22.61 -6.65 -12.07
CA ALA B 88 21.93 -7.64 -12.89
C ALA B 88 22.34 -9.03 -12.41
N MET B 89 21.34 -9.90 -12.24
CA MET B 89 21.56 -11.27 -11.81
C MET B 89 21.21 -12.18 -12.99
N LEU B 90 22.22 -12.86 -13.52
CA LEU B 90 22.13 -13.60 -14.78
C LEU B 90 22.53 -15.05 -14.54
N PRO B 91 21.58 -15.92 -14.10
CA PRO B 91 21.87 -17.34 -13.92
C PRO B 91 22.21 -18.05 -15.23
N ALA B 92 23.07 -19.06 -15.13
CA ALA B 92 23.29 -20.05 -16.18
C ALA B 92 23.73 -19.38 -17.49
N MET B 93 24.70 -18.45 -17.40
CA MET B 93 25.33 -17.89 -18.56
C MET B 93 26.40 -18.84 -19.07
N GLU B 94 26.41 -19.08 -20.39
CA GLU B 94 27.37 -19.95 -21.03
C GLU B 94 28.68 -19.19 -21.25
N THR B 95 29.79 -19.73 -20.73
CA THR B 95 31.11 -19.15 -20.90
C THR B 95 31.77 -19.77 -22.14
N SER B 96 32.95 -19.26 -22.49
CA SER B 96 33.62 -19.62 -23.74
C SER B 96 33.94 -21.11 -23.83
N ASP B 97 34.12 -21.77 -22.68
CA ASP B 97 34.51 -23.17 -22.64
C ASP B 97 33.29 -24.09 -22.53
N GLY B 98 32.08 -23.54 -22.68
CA GLY B 98 30.86 -24.33 -22.70
C GLY B 98 30.19 -24.44 -21.33
N ARG B 99 30.93 -24.16 -20.25
CA ARG B 99 30.43 -24.31 -18.89
C ARG B 99 29.43 -23.20 -18.57
N SER B 100 28.63 -23.42 -17.52
CA SER B 100 27.59 -22.48 -17.11
C SER B 100 28.00 -21.80 -15.82
N PHE B 101 27.85 -20.46 -15.77
CA PHE B 101 28.12 -19.68 -14.58
C PHE B 101 26.96 -18.73 -14.33
N ASP B 102 26.64 -18.57 -13.04
CA ASP B 102 25.71 -17.54 -12.59
C ASP B 102 26.51 -16.24 -12.42
N ILE B 103 26.09 -15.19 -13.13
CA ILE B 103 26.87 -13.96 -13.21
C ILE B 103 26.06 -12.81 -12.59
N SER B 104 26.70 -12.06 -11.70
CA SER B 104 26.19 -10.80 -11.22
C SER B 104 27.01 -9.66 -11.83
N LEU B 105 26.31 -8.66 -12.40
CA LEU B 105 26.93 -7.59 -13.15
C LEU B 105 26.39 -6.24 -12.68
N HIS B 106 27.30 -5.31 -12.37
CA HIS B 106 26.89 -3.95 -12.04
C HIS B 106 28.00 -2.97 -12.39
N ARG B 107 27.62 -1.69 -12.54
CA ARG B 107 28.57 -0.60 -12.71
C ARG B 107 28.44 0.35 -11.53
N TYR B 108 29.58 0.76 -10.94
CA TYR B 108 29.60 1.69 -9.84
C TYR B 108 30.99 2.33 -9.78
N LYS B 109 31.04 3.63 -9.45
CA LYS B 109 32.29 4.38 -9.42
C LYS B 109 33.07 4.15 -10.72
N SER B 110 32.36 4.25 -11.85
CA SER B 110 32.93 4.12 -13.19
C SER B 110 33.71 2.81 -13.36
N THR B 111 33.33 1.77 -12.62
CA THR B 111 33.94 0.44 -12.75
C THR B 111 32.81 -0.56 -13.01
N THR B 112 33.02 -1.46 -13.97
CA THR B 112 32.12 -2.60 -14.15
C THR B 112 32.68 -3.78 -13.37
N ILE B 113 31.82 -4.37 -12.54
CA ILE B 113 32.20 -5.51 -11.72
C ILE B 113 31.37 -6.71 -12.17
N ILE B 114 32.07 -7.78 -12.53
CA ILE B 114 31.46 -9.03 -12.96
C ILE B 114 31.79 -10.10 -11.93
N GLU B 115 30.75 -10.76 -11.40
CA GLU B 115 30.93 -11.78 -10.38
C GLU B 115 30.42 -13.12 -10.90
N PHE B 116 31.19 -14.18 -10.66
CA PHE B 116 30.90 -15.48 -11.25
C PHE B 116 30.82 -16.55 -10.16
N GLU B 117 29.81 -17.41 -10.29
CA GLU B 117 29.68 -18.61 -9.49
C GLU B 117 29.34 -19.77 -10.41
N PRO B 118 29.91 -20.98 -10.20
CA PRO B 118 29.55 -22.14 -11.02
C PRO B 118 28.05 -22.38 -10.91
N SER B 119 27.39 -22.62 -12.05
CA SER B 119 25.96 -22.89 -12.09
C SER B 119 25.67 -24.30 -11.58
N GLY B 120 24.58 -24.43 -10.82
CA GLY B 120 24.01 -25.72 -10.48
C GLY B 120 22.74 -25.98 -11.29
N SER B 121 21.84 -26.77 -10.73
CA SER B 121 20.53 -27.01 -11.34
C SER B 121 19.47 -26.33 -10.48
N ASP B 122 18.70 -25.41 -11.08
CA ASP B 122 17.80 -24.56 -10.31
C ASP B 122 16.47 -24.41 -11.02
N ALA B 123 15.42 -24.16 -10.21
CA ALA B 123 14.11 -23.80 -10.71
C ALA B 123 14.09 -22.32 -11.03
N GLN B 124 13.11 -21.90 -11.85
CA GLN B 124 12.93 -20.50 -12.14
C GLN B 124 12.70 -19.75 -10.82
N PRO B 125 13.44 -18.65 -10.57
CA PRO B 125 13.21 -17.85 -9.36
C PRO B 125 11.76 -17.49 -9.07
N LEU B 126 11.00 -17.11 -10.10
CA LEU B 126 9.64 -16.62 -9.92
C LEU B 126 8.77 -17.72 -9.28
N GLY B 127 8.96 -18.97 -9.71
CA GLY B 127 8.18 -20.09 -9.18
C GLY B 127 8.49 -20.36 -7.71
N THR B 128 9.79 -20.36 -7.35
CA THR B 128 10.23 -20.53 -5.98
C THR B 128 9.65 -19.42 -5.11
N ALA B 129 9.72 -18.17 -5.61
CA ALA B 129 9.26 -17.02 -4.85
C ALA B 129 7.75 -17.08 -4.63
N ARG B 130 7.02 -17.51 -5.66
CA ARG B 130 5.56 -17.53 -5.62
C ARG B 130 5.08 -18.52 -4.56
N LYS B 131 5.76 -19.66 -4.45
CA LYS B 131 5.42 -20.66 -3.45
C LYS B 131 5.58 -20.08 -2.05
N MET B 132 6.68 -19.35 -1.82
CA MET B 132 6.92 -18.71 -0.53
C MET B 132 5.88 -17.63 -0.25
N VAL B 133 5.65 -16.76 -1.24
CA VAL B 133 4.76 -15.62 -1.08
C VAL B 133 3.33 -16.10 -0.83
N ASP B 134 2.92 -17.19 -1.48
CA ASP B 134 1.58 -17.74 -1.29
C ASP B 134 1.36 -18.18 0.15
N ARG B 135 2.44 -18.46 0.88
CA ARG B 135 2.31 -18.97 2.24
C ARG B 135 2.34 -17.85 3.28
N ILE B 136 2.51 -16.59 2.85
CA ILE B 136 2.42 -15.45 3.76
C ILE B 136 1.35 -14.46 3.34
N ARG B 137 0.90 -14.50 2.08
CA ARG B 137 0.05 -13.44 1.54
C ARG B 137 -1.29 -13.38 2.26
N GLU B 138 -1.70 -14.47 2.92
CA GLU B 138 -2.99 -14.54 3.60
C GLU B 138 -2.86 -14.20 5.09
N ALA B 139 -1.64 -13.97 5.59
CA ALA B 139 -1.46 -13.51 6.95
C ALA B 139 -2.19 -12.18 7.13
N ASP B 140 -2.98 -12.06 8.19
CA ASP B 140 -3.82 -10.88 8.35
C ASP B 140 -3.52 -10.14 9.66
N SER B 141 -2.35 -10.41 10.24
CA SER B 141 -1.82 -9.57 11.30
C SER B 141 -0.29 -9.53 11.19
N VAL B 142 0.30 -8.45 11.70
CA VAL B 142 1.75 -8.31 11.70
C VAL B 142 2.35 -9.50 12.45
N GLU B 143 1.73 -9.86 13.59
CA GLU B 143 2.22 -10.93 14.44
C GLU B 143 2.26 -12.25 13.67
N SER B 144 1.18 -12.56 12.95
CA SER B 144 1.07 -13.82 12.22
C SER B 144 2.10 -13.86 11.08
N LEU B 145 2.29 -12.72 10.40
CA LEU B 145 3.26 -12.63 9.32
C LEU B 145 4.67 -12.91 9.85
N ILE B 146 5.00 -12.25 10.96
CA ILE B 146 6.35 -12.26 11.52
C ILE B 146 6.66 -13.64 12.09
N SER B 147 5.67 -14.26 12.75
CA SER B 147 5.83 -15.56 13.36
CA SER B 147 5.88 -15.56 13.36
C SER B 147 6.07 -16.61 12.28
N ARG B 148 5.25 -16.60 11.23
CA ARG B 148 5.30 -17.66 10.24
C ARG B 148 6.53 -17.55 9.33
N THR B 149 7.08 -16.34 9.17
CA THR B 149 8.07 -16.10 8.13
C THR B 149 9.40 -16.81 8.46
N THR B 150 9.82 -16.83 9.74
CA THR B 150 11.06 -17.50 10.08
C THR B 150 10.93 -19.01 9.81
N ARG B 151 9.77 -19.60 10.13
CA ARG B 151 9.55 -21.03 9.92
CA ARG B 151 9.52 -21.02 9.92
C ARG B 151 9.57 -21.34 8.43
N LEU B 152 8.86 -20.52 7.63
CA LEU B 152 8.78 -20.72 6.19
C LEU B 152 10.15 -20.56 5.53
N VAL B 153 10.88 -19.51 5.91
CA VAL B 153 12.16 -19.21 5.29
C VAL B 153 13.17 -20.30 5.62
N MLZ B 154 13.16 -20.77 6.87
CA MLZ B 154 14.05 -21.86 7.30
CA MLZ B 154 14.06 -21.86 7.29
CB MLZ B 154 13.90 -22.09 8.81
CB MLZ B 154 13.96 -22.08 8.80
CG MLZ B 154 14.75 -23.21 9.39
CG MLZ B 154 14.79 -23.25 9.32
CD MLZ B 154 14.62 -23.35 10.89
CD MLZ B 154 15.07 -23.18 10.81
CE MLZ B 154 15.40 -24.52 11.47
CE MLZ B 154 15.63 -24.47 11.37
NZ MLZ B 154 14.72 -25.81 11.23
NZ MLZ B 154 14.82 -25.63 10.99
CM MLZ B 154 15.56 -26.96 11.57
CM MLZ B 154 13.58 -25.79 11.78
C MLZ B 154 13.72 -23.12 6.52
O MLZ B 154 14.62 -23.86 6.10
N ALA B 155 12.42 -23.41 6.35
CA ALA B 155 11.99 -24.61 5.65
C ALA B 155 12.36 -24.57 4.16
N THR B 156 12.26 -23.37 3.56
CA THR B 156 12.51 -23.20 2.14
C THR B 156 14.00 -23.17 1.85
N LEU B 157 14.78 -22.48 2.69
CA LEU B 157 16.18 -22.19 2.37
C LEU B 157 17.14 -23.17 3.01
N GLY B 158 16.74 -23.85 4.08
CA GLY B 158 17.58 -24.86 4.72
C GLY B 158 18.74 -24.27 5.52
N TYR B 159 18.44 -23.28 6.36
CA TYR B 159 19.43 -22.75 7.29
C TYR B 159 19.11 -23.27 8.69
N ASP B 160 20.14 -23.30 9.54
CA ASP B 160 20.03 -23.81 10.90
C ASP B 160 19.16 -22.90 11.75
N ARG B 161 19.23 -21.59 11.49
CA ARG B 161 18.44 -20.63 12.24
C ARG B 161 17.99 -19.52 11.31
N VAL B 162 16.72 -19.11 11.44
CA VAL B 162 16.26 -17.89 10.81
C VAL B 162 15.62 -17.02 11.87
N MET B 163 16.07 -15.76 11.96
CA MET B 163 15.51 -14.79 12.88
C MET B 163 14.97 -13.60 12.10
N ILE B 164 14.07 -12.85 12.73
CA ILE B 164 13.72 -11.52 12.27
C ILE B 164 14.09 -10.54 13.38
N TYR B 165 14.81 -9.49 13.00
CA TYR B 165 15.08 -8.37 13.89
C TYR B 165 14.19 -7.20 13.48
N ARG B 166 13.61 -6.51 14.46
CA ARG B 166 12.99 -5.22 14.24
C ARG B 166 13.84 -4.17 14.95
N PHE B 167 14.22 -3.11 14.21
CA PHE B 167 15.00 -2.02 14.77
C PHE B 167 14.09 -1.14 15.63
N GLN B 168 14.63 -0.79 16.79
CA GLN B 168 13.98 0.08 17.76
C GLN B 168 14.29 1.53 17.38
N GLU B 169 13.63 2.48 18.08
CA GLU B 169 13.82 3.90 17.78
C GLU B 169 15.29 4.28 17.94
N ASP B 170 16.01 3.63 18.87
CA ASP B 170 17.40 3.97 19.13
C ASP B 170 18.36 3.15 18.26
N GLY B 171 17.83 2.35 17.32
CA GLY B 171 18.66 1.62 16.37
C GLY B 171 19.04 0.21 16.85
N ALA B 172 18.72 -0.11 18.12
CA ALA B 172 18.90 -1.45 18.64
C ALA B 172 18.03 -2.44 17.87
N GLY B 173 18.44 -3.71 17.84
CA GLY B 173 17.65 -4.75 17.22
C GLY B 173 16.98 -5.62 18.28
N MLZ B 174 15.70 -5.94 18.06
CA MLZ B 174 14.99 -6.91 18.87
CB MLZ B 174 13.67 -6.34 19.40
CG MLZ B 174 12.92 -7.28 20.35
CD MLZ B 174 11.54 -6.78 20.78
CE MLZ B 174 10.89 -7.71 21.79
NZ MLZ B 174 9.44 -7.47 21.97
CM MLZ B 174 9.08 -6.06 22.20
C MLZ B 174 14.71 -8.15 18.02
O MLZ B 174 14.24 -8.03 16.90
N VAL B 175 15.00 -9.33 18.58
CA VAL B 175 14.69 -10.59 17.93
C VAL B 175 13.20 -10.88 18.14
N VAL B 176 12.40 -10.71 17.09
CA VAL B 176 10.95 -10.76 17.20
C VAL B 176 10.38 -12.06 16.61
N SER B 177 11.22 -12.88 15.97
CA SER B 177 10.79 -14.17 15.46
C SER B 177 12.02 -15.06 15.30
N GLU B 178 11.83 -16.37 15.47
CA GLU B 178 12.93 -17.32 15.42
C GLU B 178 12.42 -18.71 15.06
N ALA B 179 13.11 -19.35 14.10
CA ALA B 179 12.99 -20.77 13.84
C ALA B 179 14.41 -21.34 13.91
N MLZ B 180 14.59 -22.46 14.62
CA MLZ B 180 15.93 -22.94 14.90
CA MLZ B 180 15.93 -22.95 14.93
CB MLZ B 180 16.46 -22.34 16.20
CB MLZ B 180 16.41 -22.36 16.25
CG MLZ B 180 15.64 -22.62 17.43
CG MLZ B 180 15.51 -22.65 17.46
CD MLZ B 180 16.36 -22.32 18.74
CD MLZ B 180 16.11 -22.24 18.78
CE MLZ B 180 15.47 -22.40 19.96
CE MLZ B 180 15.11 -22.27 19.92
NZ MLZ B 180 14.74 -23.67 20.06
NZ MLZ B 180 14.54 -23.60 20.16
CM MLZ B 180 15.61 -24.83 20.29
CM MLZ B 180 13.68 -23.66 21.34
C MLZ B 180 15.95 -24.47 15.02
O MLZ B 180 14.92 -25.10 15.27
N GLN B 181 17.15 -25.04 14.82
CA GLN B 181 17.41 -26.43 15.15
C GLN B 181 17.15 -26.62 16.65
N PRO B 182 16.59 -27.79 17.06
CA PRO B 182 16.22 -28.00 18.46
C PRO B 182 17.38 -27.91 19.45
N GLU B 183 18.62 -28.17 18.99
CA GLU B 183 19.77 -28.18 19.88
C GLU B 183 20.37 -26.79 20.09
N LEU B 184 19.89 -25.78 19.35
CA LEU B 184 20.46 -24.44 19.46
C LEU B 184 19.86 -23.72 20.67
N GLU B 185 20.60 -22.74 21.20
CA GLU B 185 20.07 -21.79 22.18
C GLU B 185 19.08 -20.86 21.46
N SER B 186 18.16 -20.27 22.23
CA SER B 186 17.22 -19.31 21.69
C SER B 186 17.71 -17.88 21.90
N PHE B 187 17.45 -17.02 20.91
CA PHE B 187 17.68 -15.59 21.03
C PHE B 187 16.35 -14.83 20.99
N LEU B 188 15.23 -15.53 21.02
CA LEU B 188 13.94 -14.85 20.88
C LEU B 188 13.71 -13.94 22.07
N GLY B 189 13.35 -12.67 21.80
CA GLY B 189 13.05 -11.69 22.84
C GLY B 189 14.31 -10.95 23.32
N GLN B 190 15.45 -11.30 22.74
CA GLN B 190 16.71 -10.66 23.04
C GLN B 190 16.83 -9.38 22.20
N TYR B 191 17.68 -8.46 22.67
CA TYR B 191 18.02 -7.27 21.92
C TYR B 191 19.54 -7.17 21.78
N PHE B 192 19.99 -6.54 20.69
CA PHE B 192 21.39 -6.15 20.56
C PHE B 192 21.47 -4.64 20.40
N PRO B 193 22.54 -4.00 20.92
CA PRO B 193 22.69 -2.54 20.87
C PRO B 193 22.94 -2.07 19.44
N ALA B 194 22.62 -0.79 19.18
CA ALA B 194 22.84 -0.19 17.88
C ALA B 194 24.27 -0.43 17.38
N SER B 195 25.24 -0.38 18.31
CA SER B 195 26.65 -0.42 17.95
C SER B 195 27.06 -1.77 17.36
N ASP B 196 26.22 -2.80 17.52
CA ASP B 196 26.51 -4.12 16.98
C ASP B 196 26.45 -4.12 15.45
N ILE B 197 25.73 -3.16 14.87
CA ILE B 197 25.72 -2.98 13.43
C ILE B 197 26.15 -1.54 13.12
N PRO B 198 27.43 -1.34 12.72
CA PRO B 198 27.96 -0.01 12.42
C PRO B 198 27.19 0.68 11.29
N GLN B 199 27.32 2.01 11.22
CA GLN B 199 26.52 2.80 10.31
C GLN B 199 26.75 2.37 8.85
N GLN B 200 28.00 2.06 8.49
CA GLN B 200 28.27 1.71 7.11
C GLN B 200 27.62 0.36 6.76
N ALA B 201 27.56 -0.56 7.73
CA ALA B 201 26.90 -1.84 7.52
C ALA B 201 25.41 -1.63 7.30
N ARG B 202 24.83 -0.66 8.04
CA ARG B 202 23.43 -0.31 7.87
C ARG B 202 23.20 0.30 6.49
N ALA B 203 24.13 1.15 6.04
CA ALA B 203 24.04 1.75 4.72
C ALA B 203 24.03 0.67 3.65
N LEU B 204 24.92 -0.32 3.79
CA LEU B 204 25.03 -1.38 2.79
C LEU B 204 23.84 -2.35 2.92
N 9IJ B 205 23.20 -2.56 4.18
CA 9IJ B 205 21.95 -3.33 4.24
C 9IJ B 205 20.86 -2.48 3.64
CB 9IJ B 205 21.61 -3.62 5.70
CG 9IJ B 205 22.49 -4.66 6.37
CD1 9IJ B 205 23.22 -5.62 5.66
CD2 9IJ B 205 22.55 -4.67 7.76
CE1 9IJ B 205 24.00 -6.56 6.33
CE2 9IJ B 205 23.35 -5.60 8.43
CZ 9IJ B 205 24.07 -6.55 7.72
C01 9IJ B 205 21.88 -3.80 8.46
N01 9IJ B 205 21.30 -3.06 9.15
O 9IJ B 205 19.85 -3.25 3.02
N LEU B 206 20.88 -1.01 3.45
CA LEU B 206 19.80 -0.35 2.75
C LEU B 206 19.98 -0.51 1.23
N MLZ B 207 21.23 -0.51 0.78
CA MLZ B 207 21.55 -0.51 -0.65
CB MLZ B 207 22.99 -0.02 -0.85
CG MLZ B 207 23.25 1.46 -0.60
CD MLZ B 207 24.71 1.83 -0.74
CE MLZ B 207 24.97 3.32 -0.79
NZ MLZ B 207 26.39 3.65 -0.58
CM MLZ B 207 27.35 2.93 -1.42
C MLZ B 207 21.41 -1.90 -1.27
O MLZ B 207 21.15 -2.00 -2.47
N ASN B 208 21.66 -2.95 -0.48
CA ASN B 208 21.65 -4.31 -0.98
C ASN B 208 20.57 -5.11 -0.27
N THR B 209 19.67 -5.74 -1.03
CA THR B 209 18.61 -6.54 -0.44
C THR B 209 19.22 -7.72 0.31
N LEU B 210 20.26 -8.35 -0.28
CA LEU B 210 20.87 -9.54 0.30
C LEU B 210 22.30 -9.25 0.71
N ARG B 211 22.71 -9.86 1.83
CA ARG B 211 24.10 -9.97 2.23
C ARG B 211 24.40 -11.45 2.46
N ILE B 212 25.43 -11.96 1.78
CA ILE B 212 25.77 -13.37 1.83
C ILE B 212 27.17 -13.52 2.45
N ILE B 213 27.29 -14.43 3.41
CA ILE B 213 28.56 -14.86 3.97
C ILE B 213 28.61 -16.39 3.85
N SER B 214 29.51 -16.92 3.02
CA SER B 214 29.55 -18.35 2.76
C SER B 214 30.34 -19.08 3.84
N ASP B 215 31.31 -18.40 4.46
CA ASP B 215 32.21 -19.03 5.40
C ASP B 215 32.90 -17.96 6.23
N ALA B 216 32.53 -17.88 7.52
CA ALA B 216 33.08 -16.88 8.41
C ALA B 216 34.54 -17.16 8.75
N SER B 217 35.01 -18.38 8.44
CA SER B 217 36.40 -18.75 8.63
C SER B 217 37.08 -19.05 7.30
N GLY B 218 36.47 -18.60 6.19
CA GLY B 218 37.00 -18.85 4.86
C GLY B 218 38.19 -17.95 4.56
N THR B 219 39.17 -18.50 3.83
CA THR B 219 40.33 -17.73 3.41
C THR B 219 39.86 -16.68 2.42
N ARG B 220 40.18 -15.42 2.70
CA ARG B 220 39.85 -14.31 1.82
C ARG B 220 40.67 -14.41 0.55
N ILE B 221 40.07 -14.04 -0.59
CA ILE B 221 40.76 -14.05 -1.88
C ILE B 221 41.08 -12.61 -2.25
N PRO B 222 42.37 -12.26 -2.46
CA PRO B 222 42.73 -10.87 -2.80
C PRO B 222 42.21 -10.44 -4.17
N VAL B 223 41.77 -9.18 -4.22
CA VAL B 223 41.52 -8.50 -5.48
C VAL B 223 42.85 -7.89 -5.92
N LEU B 224 43.29 -8.26 -7.14
CA LEU B 224 44.60 -7.86 -7.66
C LEU B 224 44.41 -6.89 -8.81
N PRO B 225 44.89 -5.62 -8.71
CA PRO B 225 45.51 -5.09 -7.49
C PRO B 225 44.50 -4.53 -6.50
N ALA B 226 44.84 -4.56 -5.21
CA ALA B 226 44.01 -3.97 -4.17
C ALA B 226 43.87 -2.47 -4.43
N VAL B 227 45.02 -1.82 -4.68
CA VAL B 227 45.06 -0.41 -5.02
C VAL B 227 45.68 -0.27 -6.42
N ASP B 228 44.98 0.47 -7.29
CA ASP B 228 45.39 0.57 -8.69
C ASP B 228 46.54 1.57 -8.80
N VAL B 229 46.95 1.86 -10.04
CA VAL B 229 48.07 2.76 -10.31
C VAL B 229 47.75 4.15 -9.79
N SER B 230 46.47 4.56 -9.86
CA SER B 230 46.05 5.90 -9.48
C SER B 230 45.77 6.02 -7.98
N GLY B 231 46.04 4.96 -7.20
CA GLY B 231 45.91 4.99 -5.75
C GLY B 231 44.50 4.62 -5.27
N GLU B 232 43.62 4.16 -6.17
CA GLU B 232 42.24 3.91 -5.82
C GLU B 232 42.04 2.47 -5.37
N PRO B 233 41.32 2.24 -4.24
CA PRO B 233 40.83 0.90 -3.90
C PRO B 233 39.59 0.56 -4.72
N LEU B 234 39.21 -0.72 -4.73
CA LEU B 234 38.03 -1.15 -5.47
C LEU B 234 36.82 -1.09 -4.52
N ASP B 235 35.84 -0.26 -4.89
CA ASP B 235 34.62 -0.13 -4.10
C ASP B 235 33.70 -1.30 -4.41
N LEU B 236 33.53 -2.19 -3.43
CA LEU B 236 32.74 -3.40 -3.58
C LEU B 236 31.37 -3.28 -2.91
N SER B 237 30.87 -2.05 -2.73
CA SER B 237 29.59 -1.82 -2.06
C SER B 237 28.48 -2.72 -2.58
N TYR B 238 28.42 -2.94 -3.91
CA TYR B 238 27.32 -3.67 -4.53
C TYR B 238 27.76 -5.06 -5.01
N ALA B 239 29.00 -5.46 -4.70
CA ALA B 239 29.50 -6.78 -5.03
C ALA B 239 29.03 -7.78 -3.97
N HIS B 240 28.38 -8.88 -4.39
CA HIS B 240 27.87 -9.84 -3.43
C HIS B 240 29.01 -10.66 -2.82
N LEU B 241 30.16 -10.71 -3.50
CA LEU B 241 31.30 -11.50 -3.04
C LEU B 241 32.17 -10.71 -2.06
N ARG B 242 31.85 -9.44 -1.82
CA ARG B 242 32.66 -8.62 -0.93
C ARG B 242 32.95 -9.36 0.38
N SER B 243 34.22 -9.33 0.81
CA SER B 243 34.65 -10.03 2.02
C SER B 243 34.08 -9.34 3.26
N VAL B 244 34.28 -9.99 4.43
CA VAL B 244 33.61 -9.64 5.67
C VAL B 244 34.62 -9.07 6.66
N SER B 245 34.19 -8.07 7.42
CA SER B 245 34.97 -7.51 8.51
C SER B 245 35.47 -8.62 9.43
N PRO B 246 36.78 -8.60 9.80
CA PRO B 246 37.30 -9.49 10.83
C PRO B 246 36.51 -9.48 12.15
N ILE B 247 35.96 -8.31 12.48
CA ILE B 247 35.22 -8.15 13.73
C ILE B 247 33.99 -9.05 13.70
N HIS B 248 33.21 -8.96 12.62
CA HIS B 248 32.00 -9.76 12.49
C HIS B 248 32.34 -11.24 12.33
N CYS B 249 33.41 -11.55 11.59
CA CYS B 249 33.83 -12.93 11.44
C CYS B 249 34.11 -13.54 12.81
N GLU B 250 34.76 -12.76 13.69
CA GLU B 250 35.09 -13.21 15.02
C GLU B 250 33.81 -13.43 15.82
N TYR B 251 32.88 -12.47 15.72
CA TYR B 251 31.60 -12.57 16.39
C TYR B 251 30.91 -13.87 16.00
N LEU B 252 30.82 -14.11 14.68
CA LEU B 252 30.16 -15.30 14.18
C LEU B 252 30.84 -16.56 14.72
N ARG B 253 32.18 -16.60 14.67
CA ARG B 253 32.91 -17.77 15.12
C ARG B 253 32.63 -18.06 16.60
N ASN B 254 32.52 -17.00 17.40
CA ASN B 254 32.23 -17.14 18.81
C ASN B 254 30.85 -17.78 19.01
N MET B 255 29.89 -17.41 18.14
CA MET B 255 28.55 -17.97 18.22
C MET B 255 28.54 -19.43 17.78
N GLY B 256 29.51 -19.81 16.95
CA GLY B 256 29.52 -21.10 16.27
C GLY B 256 28.95 -20.99 14.86
N VAL B 257 28.54 -19.78 14.46
CA VAL B 257 27.99 -19.56 13.13
C VAL B 257 29.13 -19.53 12.12
N ALA B 258 28.94 -20.23 11.00
CA ALA B 258 29.92 -20.32 9.93
C ALA B 258 29.47 -19.55 8.68
N ALA B 259 28.16 -19.27 8.55
CA ALA B 259 27.64 -18.68 7.33
C ALA B 259 26.31 -18.01 7.61
N SER B 260 25.94 -17.08 6.73
CA SER B 260 24.70 -16.33 6.91
C SER B 260 24.18 -15.80 5.58
N MET B 261 22.89 -15.46 5.58
CA MET B 261 22.33 -14.60 4.55
C MET B 261 21.24 -13.76 5.20
N SER B 262 21.31 -12.44 5.00
CA SER B 262 20.24 -11.55 5.46
C SER B 262 19.46 -10.99 4.28
N ILE B 263 18.15 -10.84 4.50
CA ILE B 263 17.24 -10.16 3.60
C ILE B 263 16.81 -8.87 4.30
N SER B 264 17.11 -7.72 3.70
CA SER B 264 16.75 -6.45 4.31
C SER B 264 15.24 -6.22 4.17
N VAL B 265 14.64 -5.65 5.21
CA VAL B 265 13.22 -5.34 5.23
C VAL B 265 13.07 -3.82 5.15
N ILE B 266 12.44 -3.32 4.08
CA ILE B 266 12.26 -1.91 3.84
C ILE B 266 10.80 -1.54 4.08
N VAL B 267 10.56 -0.60 4.99
CA VAL B 267 9.23 -0.07 5.29
C VAL B 267 9.36 1.45 5.34
N ASP B 268 8.47 2.15 4.60
CA ASP B 268 8.50 3.60 4.51
C ASP B 268 9.89 4.08 4.06
N GLY B 269 10.53 3.36 3.14
CA GLY B 269 11.76 3.81 2.51
C GLY B 269 13.02 3.58 3.36
N ALA B 270 12.87 3.01 4.56
CA ALA B 270 14.00 2.82 5.46
C ALA B 270 14.06 1.37 5.95
N LEU B 271 15.16 1.03 6.63
CA LEU B 271 15.39 -0.30 7.16
C LEU B 271 14.53 -0.54 8.40
N TRP B 272 13.48 -1.35 8.23
CA TRP B 272 12.65 -1.77 9.33
C TRP B 272 13.37 -2.79 10.22
N GLY B 273 14.18 -3.64 9.56
CA GLY B 273 14.83 -4.76 10.21
C GLY B 273 15.40 -5.72 9.17
N LEU B 274 15.72 -6.94 9.62
CA LEU B 274 16.33 -7.95 8.75
C LEU B 274 15.65 -9.28 8.98
N ILE B 275 15.63 -10.10 7.93
CA ILE B 275 15.48 -11.54 8.06
C ILE B 275 16.88 -12.11 7.99
N ALA B 276 17.36 -12.65 9.11
CA ALA B 276 18.74 -13.11 9.22
C ALA B 276 18.76 -14.63 9.26
N CYS B 277 19.44 -15.23 8.30
CA CYS B 277 19.59 -16.67 8.22
C CYS B 277 21.01 -17.05 8.67
N HIS B 278 21.15 -17.92 9.67
CA HIS B 278 22.45 -18.34 10.15
C HIS B 278 22.63 -19.84 10.02
N HIS B 279 23.83 -20.26 9.61
CA HIS B 279 24.17 -21.67 9.49
C HIS B 279 25.45 -21.95 10.26
N TYR B 280 25.51 -23.13 10.88
CA TYR B 280 26.60 -23.51 11.77
C TYR B 280 27.60 -24.39 11.02
N SER B 281 27.50 -24.36 9.69
CA SER B 281 28.44 -24.97 8.79
C SER B 281 28.52 -24.09 7.55
N PRO B 282 29.67 -23.97 6.84
CA PRO B 282 29.71 -23.19 5.61
C PRO B 282 28.58 -23.53 4.64
N ARG B 283 27.97 -22.49 4.06
CA ARG B 283 26.69 -22.58 3.38
C ARG B 283 26.54 -21.38 2.45
N VAL B 284 26.07 -21.62 1.22
CA VAL B 284 25.68 -20.54 0.32
C VAL B 284 24.54 -21.03 -0.56
N LEU B 285 23.58 -20.13 -0.84
CA LEU B 285 22.46 -20.44 -1.71
C LEU B 285 22.86 -20.17 -3.16
N SER B 286 22.27 -20.95 -4.08
CA SER B 286 22.43 -20.71 -5.51
C SER B 286 21.83 -19.34 -5.85
N MET B 287 22.35 -18.71 -6.91
CA MET B 287 21.87 -17.41 -7.33
C MET B 287 20.36 -17.44 -7.59
N PRO B 288 19.80 -18.44 -8.31
CA PRO B 288 18.36 -18.49 -8.51
C PRO B 288 17.52 -18.47 -7.23
N VAL B 289 17.98 -19.18 -6.19
CA VAL B 289 17.29 -19.18 -4.93
C VAL B 289 17.46 -17.81 -4.25
N ARG B 290 18.63 -17.18 -4.43
CA ARG B 290 18.87 -15.85 -3.89
C ARG B 290 17.93 -14.84 -4.56
N ILE B 291 17.71 -14.98 -5.88
CA ILE B 291 16.79 -14.11 -6.59
C ILE B 291 15.39 -14.27 -6.02
N ALA B 292 14.99 -15.54 -5.77
CA ALA B 292 13.70 -15.82 -5.16
C ALA B 292 13.58 -15.17 -3.79
N ALA B 293 14.64 -15.26 -2.98
CA ALA B 293 14.65 -14.69 -1.64
C ALA B 293 14.46 -13.17 -1.69
N GLU B 294 15.07 -12.54 -2.69
CA GLU B 294 14.96 -11.10 -2.87
C GLU B 294 13.51 -10.72 -3.19
N MET B 295 12.89 -11.50 -4.08
CA MET B 295 11.50 -11.29 -4.45
C MET B 295 10.58 -11.49 -3.24
N PHE B 296 10.87 -12.53 -2.44
CA PHE B 296 10.11 -12.79 -1.24
C PHE B 296 10.23 -11.61 -0.28
N GLY B 297 11.46 -11.12 -0.10
CA GLY B 297 11.74 -10.00 0.78
C GLY B 297 10.96 -8.76 0.40
N GLU B 298 10.89 -8.47 -0.91
CA GLU B 298 10.14 -7.33 -1.40
C GLU B 298 8.66 -7.49 -1.06
N PHE B 299 8.11 -8.70 -1.26
CA PHE B 299 6.71 -8.96 -0.95
C PHE B 299 6.45 -8.87 0.55
N PHE B 300 7.33 -9.52 1.33
CA PHE B 300 7.24 -9.48 2.78
C PHE B 300 7.16 -8.05 3.28
N SER B 301 8.04 -7.18 2.76
CA SER B 301 8.10 -5.78 3.17
C SER B 301 6.78 -5.09 2.88
N MET B 302 6.24 -5.31 1.67
CA MET B 302 5.00 -4.67 1.26
C MET B 302 3.83 -5.15 2.12
N HIS B 303 3.77 -6.47 2.36
CA HIS B 303 2.67 -7.04 3.13
C HIS B 303 2.73 -6.53 4.57
N LEU B 304 3.93 -6.46 5.13
CA LEU B 304 4.13 -5.97 6.48
C LEU B 304 3.62 -4.53 6.58
N GLN B 305 4.00 -3.71 5.60
CA GLN B 305 3.60 -2.32 5.56
C GLN B 305 2.07 -2.21 5.56
N VAL B 306 1.41 -3.05 4.75
CA VAL B 306 -0.04 -3.05 4.62
C VAL B 306 -0.70 -3.47 5.93
N LEU B 307 -0.16 -4.53 6.57
CA LEU B 307 -0.70 -5.00 7.83
C LEU B 307 -0.47 -3.96 8.93
N MLZ B 308 0.71 -3.32 8.91
CA MLZ B 308 1.09 -2.33 9.91
CB MLZ B 308 2.59 -2.01 9.72
CG MLZ B 308 3.24 -1.09 10.73
CD MLZ B 308 4.74 -0.98 10.53
CE MLZ B 308 5.50 -0.17 11.57
NZ MLZ B 308 5.17 1.27 11.56
CM MLZ B 308 5.52 1.99 10.33
C MLZ B 308 0.18 -1.11 9.81
O MLZ B 308 -0.19 -0.52 10.82
N GLN B 309 -0.23 -0.76 8.57
CA GLN B 309 -1.13 0.36 8.34
C GLN B 309 -2.53 0.03 8.88
N MLZ B 310 -3.00 -1.19 8.63
CA MLZ B 310 -4.31 -1.62 9.08
CB MLZ B 310 -4.64 -2.99 8.48
CG MLZ B 310 -5.85 -3.73 9.04
CD MLZ B 310 -7.17 -2.99 8.98
CE MLZ B 310 -8.34 -3.92 9.31
NZ MLZ B 310 -9.61 -3.23 9.58
CM MLZ B 310 -9.89 -2.02 8.78
C MLZ B 310 -4.36 -1.62 10.61
O MLZ B 310 -5.32 -1.10 11.19
N ARG B 311 -3.32 -2.15 11.25
CA ARG B 311 -3.28 -2.23 12.70
C ARG B 311 -3.30 -0.82 13.31
N ARG B 312 -2.54 0.11 12.71
CA ARG B 312 -2.52 1.48 13.19
C ARG B 312 -3.91 2.09 13.07
N LEU B 313 -4.55 1.91 11.91
CA LEU B 313 -5.86 2.48 11.64
C LEU B 313 -6.88 1.93 12.64
N ASP B 314 -6.81 0.63 12.90
CA ASP B 314 -7.71 -0.02 13.84
C ASP B 314 -7.50 0.56 15.24
N THR B 315 -6.26 0.84 15.61
CA THR B 315 -5.96 1.31 16.96
C THR B 315 -6.45 2.75 17.14
N ILE B 316 -6.31 3.58 16.11
CA ILE B 316 -6.76 4.97 16.17
C ILE B 316 -8.28 5.01 16.25
N ASN B 317 -8.93 4.21 15.39
CA ASN B 317 -10.38 4.14 15.34
C ASN B 317 -10.96 3.63 16.66
N HIS B 318 -10.26 2.66 17.26
CA HIS B 318 -10.63 2.12 18.55
C HIS B 318 -10.64 3.25 19.59
N ALA B 319 -9.61 4.09 19.55
CA ALA B 319 -9.47 5.20 20.48
C ALA B 319 -10.59 6.22 20.27
N HIS B 320 -10.85 6.58 19.00
CA HIS B 320 -11.89 7.56 18.69
C HIS B 320 -13.23 7.05 19.16
N ALA B 321 -13.53 5.76 18.94
CA ALA B 321 -14.80 5.19 19.34
C ALA B 321 -14.98 5.26 20.86
N ALA B 322 -13.89 4.97 21.59
CA ALA B 322 -13.93 4.97 23.04
C ALA B 322 -14.12 6.39 23.58
N LEU B 323 -13.41 7.36 22.98
CA LEU B 323 -13.51 8.75 23.42
C LEU B 323 -14.87 9.33 23.09
N ASP B 324 -15.46 8.89 21.97
CA ASP B 324 -16.81 9.31 21.60
C ASP B 324 -17.83 8.80 22.62
N ARG B 325 -17.64 7.55 23.08
CA ARG B 325 -18.49 6.99 24.11
C ARG B 325 -18.34 7.83 25.38
N PHE B 326 -17.11 8.24 25.70
CA PHE B 326 -16.88 9.01 26.90
C PHE B 326 -17.57 10.38 26.81
N LEU B 327 -17.49 11.01 25.63
CA LEU B 327 -18.14 12.30 25.41
C LEU B 327 -19.63 12.18 25.66
N ARG B 328 -20.26 11.16 25.06
CA ARG B 328 -21.71 10.98 25.17
C ARG B 328 -22.09 10.69 26.62
N LEU B 329 -21.22 9.94 27.33
CA LEU B 329 -21.42 9.61 28.72
C LEU B 329 -21.39 10.87 29.57
N ALA B 330 -20.36 11.70 29.36
CA ALA B 330 -20.12 12.88 30.18
C ALA B 330 -21.24 13.91 30.03
N ALA B 331 -21.92 13.90 28.87
CA ALA B 331 -22.95 14.88 28.60
C ALA B 331 -24.08 14.80 29.62
N HIS B 332 -24.32 13.62 30.22
CA HIS B 332 -25.37 13.47 31.20
C HIS B 332 -24.82 13.37 32.63
N HIS B 333 -23.62 13.89 32.86
CA HIS B 333 -23.03 13.95 34.19
C HIS B 333 -22.85 15.38 34.64
N ALA B 334 -23.40 15.70 35.81
CA ALA B 334 -23.27 17.02 36.41
C ALA B 334 -21.87 17.20 37.02
N ASN B 335 -21.22 16.12 37.42
CA ASN B 335 -19.94 16.20 38.10
C ASN B 335 -18.88 15.45 37.27
N ILE B 336 -18.06 16.21 36.53
CA ILE B 336 -17.13 15.63 35.59
C ILE B 336 -15.91 15.07 36.33
N GLU B 337 -15.48 15.73 37.41
CA GLU B 337 -14.38 15.23 38.22
C GLU B 337 -14.72 13.84 38.75
N GLU B 338 -15.94 13.69 39.29
CA GLU B 338 -16.41 12.41 39.81
C GLU B 338 -16.40 11.36 38.69
N LEU B 339 -16.91 11.73 37.51
CA LEU B 339 -16.96 10.80 36.40
C LEU B 339 -15.55 10.30 36.08
N LEU B 340 -14.57 11.21 36.09
CA LEU B 340 -13.21 10.87 35.75
C LEU B 340 -12.58 9.99 36.82
N VAL B 341 -12.85 10.30 38.09
CA VAL B 341 -12.38 9.50 39.21
C VAL B 341 -12.88 8.07 39.06
N ASP B 342 -14.12 7.89 38.58
CA ASP B 342 -14.72 6.59 38.43
C ASP B 342 -14.27 5.90 37.13
N SER B 343 -13.79 6.68 36.15
CA SER B 343 -13.62 6.21 34.78
C SER B 343 -12.17 6.11 34.34
N PHE B 344 -11.23 6.78 35.05
CA PHE B 344 -9.92 7.07 34.47
C PHE B 344 -9.20 5.78 34.09
N GLN B 345 -9.42 4.68 34.83
CA GLN B 345 -8.71 3.43 34.59
C GLN B 345 -8.97 2.93 33.16
N ASP B 346 -10.15 3.25 32.61
CA ASP B 346 -10.53 2.77 31.30
C ASP B 346 -9.65 3.37 30.20
N PHE B 347 -9.09 4.55 30.47
CA PHE B 347 -8.24 5.24 29.52
C PHE B 347 -6.95 4.45 29.26
N ALA B 348 -6.59 3.53 30.18
CA ALA B 348 -5.42 2.68 29.97
C ALA B 348 -5.57 1.82 28.72
N ASP B 349 -6.80 1.60 28.27
CA ASP B 349 -7.05 0.75 27.11
C ASP B 349 -6.82 1.49 25.79
N LEU B 350 -6.49 2.79 25.86
CA LEU B 350 -6.31 3.60 24.65
C LEU B 350 -4.96 3.30 23.98
N MET B 351 -3.93 3.03 24.79
CA MET B 351 -2.58 2.81 24.26
C MET B 351 -1.84 1.85 25.18
N PRO B 352 -0.75 1.18 24.71
CA PRO B 352 0.02 0.31 25.60
C PRO B 352 0.57 1.10 26.78
N CYS B 353 0.29 0.61 27.99
CA CYS B 353 0.83 1.19 29.20
C CYS B 353 0.75 0.16 30.33
N ASP B 354 1.53 0.40 31.38
CA ASP B 354 1.56 -0.47 32.55
C ASP B 354 0.77 0.16 33.70
N GLY B 355 0.46 1.45 33.57
CA GLY B 355 -0.26 2.15 34.63
C GLY B 355 -0.87 3.44 34.11
N VAL B 356 -1.90 3.93 34.82
CA VAL B 356 -2.53 5.20 34.51
C VAL B 356 -3.01 5.80 35.82
N GLY B 357 -3.06 7.14 35.86
CA GLY B 357 -3.54 7.81 37.05
C GLY B 357 -4.10 9.18 36.73
N LEU B 358 -4.91 9.66 37.67
CA LEU B 358 -5.56 10.96 37.56
C LEU B 358 -5.02 11.83 38.69
N TRP B 359 -4.49 12.99 38.31
CA TRP B 359 -4.02 14.00 39.25
C TRP B 359 -4.89 15.25 39.08
N VAL B 360 -5.84 15.43 40.01
CA VAL B 360 -6.78 16.53 39.94
C VAL B 360 -6.93 17.12 41.34
N GLY B 361 -6.76 18.45 41.43
CA GLY B 361 -6.96 19.18 42.66
C GLY B 361 -6.05 18.68 43.78
N ASN B 362 -4.82 18.31 43.41
CA ASN B 362 -3.81 17.81 44.34
C ASN B 362 -4.25 16.48 44.97
N ASN B 363 -5.14 15.74 44.31
CA ASN B 363 -5.52 14.39 44.72
C ASN B 363 -5.17 13.39 43.63
N TRP B 364 -4.66 12.23 44.06
CA TRP B 364 -4.16 11.18 43.18
C TRP B 364 -5.09 9.99 43.21
N HIS B 365 -5.33 9.42 42.02
CA HIS B 365 -5.94 8.11 41.88
C HIS B 365 -5.14 7.34 40.84
N GLY B 366 -4.71 6.12 41.19
CA GLY B 366 -3.83 5.34 40.34
C GLY B 366 -4.41 3.96 40.04
N HIS B 367 -3.96 3.39 38.93
CA HIS B 367 -4.35 2.07 38.51
C HIS B 367 -3.15 1.42 37.84
N GLY B 368 -2.85 0.17 38.19
CA GLY B 368 -1.71 -0.52 37.61
C GLY B 368 -0.39 -0.03 38.24
N ALA B 369 0.67 -0.02 37.42
CA ALA B 369 2.00 0.32 37.88
C ALA B 369 2.23 1.82 37.74
N THR B 370 2.29 2.53 38.87
CA THR B 370 2.46 3.97 38.87
C THR B 370 3.49 4.33 39.92
N PRO B 371 4.04 5.57 39.89
CA PRO B 371 4.91 6.04 40.96
C PRO B 371 4.08 6.11 42.25
N PRO B 372 4.72 6.10 43.43
CA PRO B 372 3.99 6.26 44.69
C PRO B 372 3.31 7.61 44.79
N HIS B 373 2.20 7.61 45.53
CA HIS B 373 1.40 8.78 45.85
C HIS B 373 2.27 10.02 46.07
N ASP B 374 3.33 9.87 46.87
CA ASP B 374 4.16 10.99 47.31
C ASP B 374 5.00 11.56 46.16
N ALA B 375 5.18 10.78 45.10
CA ALA B 375 6.03 11.16 43.97
C ALA B 375 5.29 12.04 42.97
N ILE B 376 3.95 12.10 43.05
CA ILE B 376 3.17 12.65 41.95
C ILE B 376 3.30 14.18 41.89
N PRO B 377 3.29 14.93 43.02
CA PRO B 377 3.42 16.38 42.96
C PRO B 377 4.64 16.89 42.19
N ARG B 378 5.78 16.22 42.38
CA ARG B 378 7.01 16.59 41.69
C ARG B 378 6.84 16.36 40.19
N LEU B 379 6.21 15.23 39.81
CA LEU B 379 6.00 14.91 38.41
C LEU B 379 5.11 15.96 37.76
N ALA B 380 4.00 16.32 38.43
CA ALA B 380 3.06 17.28 37.88
C ALA B 380 3.70 18.66 37.74
N ARG B 381 4.46 19.08 38.76
CA ARG B 381 5.18 20.35 38.71
C ARG B 381 6.14 20.36 37.52
N PHE B 382 6.84 19.23 37.30
CA PHE B 382 7.79 19.16 36.21
C PHE B 382 7.08 19.33 34.87
N VAL B 383 5.98 18.58 34.68
CA VAL B 383 5.25 18.64 33.42
C VAL B 383 4.78 20.06 33.19
N ALA B 384 4.25 20.70 34.25
CA ALA B 384 3.73 22.05 34.18
C ALA B 384 4.78 23.03 33.63
N SER B 385 6.04 22.85 34.03
CA SER B 385 7.11 23.74 33.63
C SER B 385 7.65 23.39 32.24
N ALA B 386 7.41 22.16 31.79
CA ALA B 386 8.04 21.64 30.58
C ALA B 386 7.07 21.61 29.40
N SER B 387 5.76 21.64 29.69
CA SER B 387 4.75 21.56 28.66
C SER B 387 4.20 22.95 28.34
N GLU B 388 3.88 23.16 27.06
CA GLU B 388 3.22 24.39 26.62
C GLU B 388 1.73 24.14 26.47
N GLY B 389 1.20 23.15 27.21
CA GLY B 389 -0.23 22.88 27.24
C GLY B 389 -0.64 21.76 26.29
N ARG B 390 0.33 21.11 25.63
CA ARG B 390 0.04 19.92 24.84
C ARG B 390 0.52 18.69 25.63
N VAL B 391 0.37 17.53 25.02
CA VAL B 391 0.86 16.29 25.60
C VAL B 391 2.38 16.40 25.80
N TRP B 392 2.86 15.87 26.92
CA TRP B 392 4.28 15.76 27.19
C TRP B 392 4.59 14.32 27.58
N ALA B 393 5.69 13.77 27.06
CA ALA B 393 5.99 12.36 27.30
C ALA B 393 7.49 12.11 27.27
N THR B 394 7.92 11.17 28.11
CA THR B 394 9.30 10.71 28.12
C THR B 394 9.32 9.22 28.40
N HIS B 395 10.38 8.56 27.92
CA HIS B 395 10.65 7.17 28.26
C HIS B 395 11.86 7.08 29.19
N ALA B 396 12.32 8.22 29.72
CA ALA B 396 13.49 8.25 30.59
C ALA B 396 13.29 9.26 31.71
N LEU B 397 12.40 8.91 32.66
CA LEU B 397 11.96 9.83 33.71
C LEU B 397 13.14 10.34 34.52
N SER B 398 14.04 9.44 34.94
CA SER B 398 15.17 9.77 35.79
CA SER B 398 15.16 9.79 35.80
C SER B 398 16.03 10.86 35.16
N GLN B 399 16.07 10.89 33.82
CA GLN B 399 16.86 11.89 33.10
C GLN B 399 16.24 13.28 33.24
N ALA B 400 14.91 13.33 33.40
CA ALA B 400 14.21 14.59 33.63
C ALA B 400 14.17 14.90 35.13
N ILE B 401 13.98 13.86 35.95
CA ILE B 401 13.74 14.01 37.37
C ILE B 401 14.60 12.96 38.11
N PRO B 402 15.82 13.32 38.56
CA PRO B 402 16.73 12.33 39.15
C PRO B 402 16.08 11.43 40.19
N GLU B 403 15.16 12.01 40.98
CA GLU B 403 14.54 11.30 42.08
C GLU B 403 13.70 10.13 41.58
N ALA B 404 13.25 10.19 40.32
CA ALA B 404 12.39 9.15 39.75
C ALA B 404 13.14 7.82 39.64
N GLU B 405 14.47 7.83 39.77
CA GLU B 405 15.26 6.61 39.66
C GLU B 405 14.76 5.56 40.67
N ILE B 406 14.35 6.00 41.86
CA ILE B 406 13.99 5.09 42.93
C ILE B 406 12.82 4.18 42.52
N TYR B 407 11.90 4.68 41.68
CA TYR B 407 10.71 3.90 41.31
C TYR B 407 10.74 3.52 39.83
N ALA B 408 11.92 3.57 39.19
CA ALA B 408 12.05 3.30 37.77
C ALA B 408 11.55 1.90 37.41
N GLY B 409 11.74 0.92 38.30
CA GLY B 409 11.26 -0.43 38.05
C GLY B 409 9.76 -0.45 37.77
N THR B 410 9.01 0.34 38.56
CA THR B 410 7.56 0.41 38.46
C THR B 410 7.15 1.34 37.31
N ALA B 411 7.84 2.48 37.19
CA ALA B 411 7.47 3.48 36.20
C ALA B 411 8.70 4.27 35.77
N ALA B 412 9.17 4.03 34.54
CA ALA B 412 10.35 4.68 33.98
C ALA B 412 9.95 5.65 32.87
N GLY B 413 8.74 5.48 32.36
CA GLY B 413 8.23 6.35 31.31
C GLY B 413 6.88 6.93 31.73
N MET B 414 6.60 8.15 31.27
CA MET B 414 5.36 8.83 31.59
C MET B 414 4.91 9.63 30.37
N LEU B 415 3.61 9.55 30.08
CA LEU B 415 2.94 10.44 29.13
C LEU B 415 1.85 11.19 29.88
N ALA B 416 1.93 12.52 29.83
CA ALA B 416 1.05 13.41 30.58
C ALA B 416 0.11 14.14 29.64
N ILE B 417 -1.19 14.02 29.90
CA ILE B 417 -2.22 14.74 29.17
C ILE B 417 -2.75 15.85 30.07
N PRO B 418 -2.55 17.13 29.72
CA PRO B 418 -3.07 18.23 30.54
C PRO B 418 -4.59 18.28 30.46
N LEU B 419 -5.23 18.61 31.59
CA LEU B 419 -6.68 18.67 31.69
C LEU B 419 -7.15 20.13 31.83
N SER B 420 -6.19 21.07 31.88
CA SER B 420 -6.50 22.47 32.14
C SER B 420 -5.29 23.34 31.81
N GLN B 421 -5.55 24.56 31.35
CA GLN B 421 -4.49 25.54 31.12
C GLN B 421 -4.27 26.43 32.35
N VAL B 422 -5.11 26.30 33.37
CA VAL B 422 -5.04 27.17 34.54
C VAL B 422 -4.79 26.36 35.83
N LYS B 423 -4.81 25.03 35.75
CA LYS B 423 -4.55 24.17 36.88
C LYS B 423 -3.64 23.03 36.42
N SER B 424 -2.68 22.61 37.26
CA SER B 424 -1.79 21.52 36.91
C SER B 424 -2.47 20.17 37.20
N ASP B 425 -3.57 19.94 36.48
CA ASP B 425 -4.32 18.69 36.54
C ASP B 425 -3.97 17.85 35.30
N TYR B 426 -3.79 16.54 35.49
CA TYR B 426 -3.31 15.68 34.42
C TYR B 426 -3.92 14.29 34.50
N LEU B 427 -4.07 13.68 33.32
CA LEU B 427 -4.17 12.23 33.19
C LEU B 427 -2.79 11.71 32.79
N LEU B 428 -2.23 10.82 33.62
CA LEU B 428 -0.87 10.34 33.45
C LEU B 428 -0.88 8.87 33.06
N PHE B 429 -0.07 8.53 32.05
CA PHE B 429 0.17 7.17 31.64
C PHE B 429 1.61 6.79 31.98
N PHE B 430 1.81 5.54 32.39
CA PHE B 430 3.13 5.08 32.78
C PHE B 430 3.47 3.76 32.11
N ARG B 431 4.79 3.57 31.94
CA ARG B 431 5.35 2.31 31.51
C ARG B 431 6.53 1.93 32.40
N MLZ B 432 6.63 0.64 32.69
CA MLZ B 432 7.73 0.10 33.47
CB MLZ B 432 7.51 -1.38 33.76
CG MLZ B 432 6.33 -1.70 34.68
CD MLZ B 432 6.10 -3.19 34.76
CE MLZ B 432 4.94 -3.63 35.64
NZ MLZ B 432 4.75 -5.07 35.58
CM MLZ B 432 4.16 -5.52 34.30
C MLZ B 432 9.04 0.20 32.69
O MLZ B 432 9.05 0.37 31.47
N GLU B 433 10.14 0.10 33.44
CA GLU B 433 11.46 -0.08 32.87
C GLU B 433 11.42 -1.25 31.90
N ILE B 434 12.01 -1.07 30.72
CA ILE B 434 11.80 -2.01 29.61
C ILE B 434 12.30 -3.39 30.00
N VAL B 435 13.38 -3.48 30.79
CA VAL B 435 13.96 -4.75 31.20
CA VAL B 435 13.95 -4.77 31.17
C VAL B 435 12.92 -5.56 31.99
N GLN B 436 12.01 -4.86 32.67
CA GLN B 436 10.99 -5.52 33.48
C GLN B 436 9.98 -6.26 32.61
N ASN B 437 9.82 -5.82 31.35
CA ASN B 437 8.81 -6.36 30.46
C ASN B 437 9.43 -7.33 29.45
N LEU B 438 10.68 -7.75 29.67
CA LEU B 438 11.34 -8.67 28.75
C LEU B 438 10.56 -9.98 28.71
N ASN B 439 10.49 -10.58 27.52
CA ASN B 439 10.04 -11.96 27.37
C ASN B 439 11.12 -12.71 26.60
N TRP B 440 12.24 -12.97 27.29
CA TRP B 440 13.40 -13.60 26.69
C TRP B 440 13.31 -15.12 26.83
N ALA B 441 13.40 -15.83 25.70
CA ALA B 441 13.31 -17.28 25.69
C ALA B 441 14.69 -17.92 25.78
N GLY B 442 15.73 -17.11 25.97
CA GLY B 442 17.11 -17.60 25.94
C GLY B 442 17.53 -18.26 27.26
N ASN B 443 18.76 -18.79 27.25
CA ASN B 443 19.32 -19.57 28.34
C ASN B 443 20.40 -18.75 29.03
N PRO B 444 20.17 -18.27 30.28
CA PRO B 444 21.16 -17.42 30.96
C PRO B 444 22.48 -18.10 31.27
N GLU B 445 22.51 -19.45 31.21
CA GLU B 445 23.71 -20.22 31.51
C GLU B 445 24.53 -20.50 30.24
N MLZ B 446 23.97 -20.19 29.06
CA MLZ B 446 24.69 -20.37 27.80
CA MLZ B 446 24.69 -20.37 27.80
CB MLZ B 446 23.75 -20.24 26.60
CB MLZ B 446 23.74 -20.21 26.61
CG MLZ B 446 24.44 -20.22 25.24
CG MLZ B 446 24.40 -20.11 25.24
CD MLZ B 446 25.30 -21.44 24.94
CD MLZ B 446 25.26 -21.29 24.86
CE MLZ B 446 26.06 -21.30 23.64
CE MLZ B 446 26.05 -21.05 23.59
NZ MLZ B 446 27.00 -22.42 23.42
NZ MLZ B 446 26.82 -22.22 23.17
CM MLZ B 446 26.34 -23.73 23.25
CM MLZ B 446 27.88 -21.88 22.21
C MLZ B 446 25.83 -19.36 27.73
O MLZ B 446 25.61 -18.15 27.85
N SER B 447 27.05 -19.88 27.54
CA SER B 447 28.25 -19.06 27.49
C SER B 447 28.94 -19.25 26.14
N TYR B 448 29.78 -18.29 25.76
CA TYR B 448 30.45 -18.28 24.46
C TYR B 448 31.95 -18.22 24.65
N GLU B 449 32.67 -18.94 23.78
CA GLU B 449 34.11 -18.78 23.62
C GLU B 449 34.38 -17.42 22.97
N THR B 450 35.62 -16.94 23.07
CA THR B 450 35.99 -15.64 22.54
C THR B 450 37.26 -15.77 21.71
N GLY B 451 37.54 -14.71 20.95
CA GLY B 451 38.77 -14.59 20.19
C GLY B 451 39.62 -13.46 20.73
N PRO B 452 40.66 -13.03 19.99
CA PRO B 452 41.54 -11.94 20.44
C PRO B 452 40.85 -10.67 20.95
N MET B 453 39.66 -10.34 20.42
CA MET B 453 38.98 -9.11 20.79
C MET B 453 38.22 -9.27 22.11
N GLY B 454 38.08 -10.50 22.59
CA GLY B 454 37.50 -10.75 23.91
C GLY B 454 35.98 -10.84 23.84
N ASP B 455 35.33 -10.71 25.01
CA ASP B 455 33.96 -11.15 25.18
C ASP B 455 32.95 -10.13 24.62
N ARG B 456 33.43 -8.96 24.15
CA ARG B 456 32.55 -7.99 23.52
C ARG B 456 31.75 -8.66 22.39
N LEU B 457 32.41 -9.55 21.64
CA LEU B 457 31.82 -10.09 20.42
C LEU B 457 31.08 -11.40 20.70
N THR B 458 30.14 -11.35 21.65
CA THR B 458 29.30 -12.48 22.00
C THR B 458 27.87 -12.01 22.24
N PRO B 459 26.84 -12.83 21.92
CA PRO B 459 25.45 -12.48 22.23
C PRO B 459 25.21 -12.13 23.70
N ARG B 460 25.90 -12.83 24.61
CA ARG B 460 25.71 -12.60 26.03
C ARG B 460 26.10 -11.17 26.38
N LYS B 461 27.27 -10.71 25.89
CA LYS B 461 27.77 -9.39 26.21
C LYS B 461 26.97 -8.32 25.45
N SER B 462 26.62 -8.60 24.19
CA SER B 462 25.76 -7.71 23.42
C SER B 462 24.48 -7.39 24.22
N PHE B 463 23.84 -8.43 24.76
CA PHE B 463 22.57 -8.26 25.46
C PHE B 463 22.78 -7.43 26.72
N ALA B 464 23.87 -7.70 27.44
CA ALA B 464 24.22 -6.95 28.64
C ALA B 464 24.47 -5.48 28.30
N ILE B 465 25.17 -5.20 27.20
CA ILE B 465 25.43 -3.84 26.76
C ILE B 465 24.09 -3.14 26.44
N TRP B 466 23.21 -3.83 25.71
CA TRP B 466 21.90 -3.26 25.43
C TRP B 466 21.17 -2.91 26.72
N MLZ B 467 21.13 -3.84 27.69
CA MLZ B 467 20.43 -3.61 28.94
CB MLZ B 467 20.57 -4.79 29.89
CG MLZ B 467 19.74 -6.02 29.54
CD MLZ B 467 19.89 -7.16 30.53
CE MLZ B 467 19.20 -8.43 30.07
NZ MLZ B 467 19.43 -9.55 30.99
CM MLZ B 467 18.70 -10.76 30.58
C MLZ B 467 20.94 -2.32 29.60
O MLZ B 467 20.15 -1.57 30.16
N GLU B 468 22.26 -2.09 29.54
CA GLU B 468 22.83 -0.87 30.11
C GLU B 468 22.33 0.36 29.36
N THR B 469 22.22 0.28 28.03
CA THR B 469 21.79 1.43 27.24
C THR B 469 20.37 1.85 27.59
N VAL B 470 19.54 0.94 28.09
CA VAL B 470 18.13 1.24 28.34
C VAL B 470 17.80 1.19 29.83
N ARG B 471 18.83 1.10 30.69
CA ARG B 471 18.61 1.07 32.12
C ARG B 471 17.88 2.34 32.53
N LEU B 472 16.84 2.18 33.35
CA LEU B 472 16.00 3.27 33.85
C LEU B 472 15.11 3.85 32.75
N GLN B 473 14.98 3.16 31.63
CA GLN B 473 14.19 3.68 30.52
C GLN B 473 13.06 2.71 30.21
N ALA B 474 11.98 3.24 29.62
CA ALA B 474 10.86 2.44 29.17
C ALA B 474 10.83 2.40 27.63
N GLN B 475 9.87 1.62 27.11
CA GLN B 475 9.55 1.62 25.69
C GLN B 475 9.11 3.03 25.28
N PRO B 476 9.73 3.64 24.25
CA PRO B 476 9.31 4.95 23.79
C PRO B 476 7.83 5.03 23.41
N TRP B 477 7.23 6.18 23.72
CA TRP B 477 5.90 6.50 23.26
C TRP B 477 5.94 6.78 21.77
N SER B 478 5.22 5.97 20.99
CA SER B 478 5.27 6.02 19.55
C SER B 478 4.45 7.19 19.02
N GLU B 479 4.59 7.46 17.72
CA GLU B 479 3.82 8.49 17.05
C GLU B 479 2.33 8.16 17.14
N ALA B 480 1.97 6.88 17.07
CA ALA B 480 0.58 6.47 17.22
C ALA B 480 0.10 6.74 18.64
N ASP B 481 0.93 6.39 19.64
CA ASP B 481 0.59 6.64 21.03
C ASP B 481 0.32 8.13 21.23
N ARG B 482 1.18 8.98 20.64
CA ARG B 482 1.09 10.43 20.80
C ARG B 482 -0.16 10.96 20.12
N GLU B 483 -0.53 10.39 18.95
CA GLU B 483 -1.74 10.79 18.25
C GLU B 483 -2.98 10.46 19.09
N ILE B 484 -2.96 9.28 19.72
CA ILE B 484 -4.08 8.85 20.54
C ILE B 484 -4.20 9.76 21.76
N ALA B 485 -3.05 10.11 22.37
CA ALA B 485 -3.03 11.00 23.51
C ALA B 485 -3.61 12.37 23.15
N GLU B 486 -3.28 12.85 21.94
CA GLU B 486 -3.75 14.15 21.50
C GLU B 486 -5.27 14.11 21.33
N ALA B 487 -5.78 13.02 20.73
CA ALA B 487 -7.22 12.82 20.60
C ALA B 487 -7.89 12.82 21.97
N ALA B 488 -7.28 12.16 22.96
CA ALA B 488 -7.80 12.13 24.31
C ALA B 488 -7.80 13.54 24.91
N ARG B 489 -6.71 14.29 24.71
CA ARG B 489 -6.60 15.64 25.22
C ARG B 489 -7.76 16.49 24.72
N ILE B 490 -8.03 16.47 23.41
CA ILE B 490 -9.02 17.36 22.83
C ILE B 490 -10.44 16.87 23.14
N ALA B 491 -10.61 15.55 23.29
CA ALA B 491 -11.88 15.02 23.73
C ALA B 491 -12.22 15.53 25.14
N LEU B 492 -11.21 15.60 26.01
CA LEU B 492 -11.40 16.05 27.38
C LEU B 492 -11.62 17.56 27.44
N VAL B 493 -10.94 18.31 26.58
CA VAL B 493 -11.23 19.73 26.41
C VAL B 493 -12.71 19.87 26.09
N GLU B 494 -13.20 19.03 25.17
CA GLU B 494 -14.57 19.11 24.72
C GLU B 494 -15.54 18.77 25.85
N VAL B 495 -15.22 17.75 26.66
CA VAL B 495 -16.05 17.40 27.80
C VAL B 495 -16.16 18.61 28.74
N ALA B 496 -15.03 19.29 28.98
CA ALA B 496 -14.99 20.42 29.90
C ALA B 496 -15.79 21.60 29.34
N PHE B 497 -15.67 21.84 28.04
CA PHE B 497 -16.30 22.99 27.41
C PHE B 497 -17.81 22.83 27.41
N HIS B 498 -18.30 21.68 26.96
CA HIS B 498 -19.72 21.42 26.91
C HIS B 498 -20.30 21.45 28.32
N HIS B 499 -19.50 21.02 29.31
CA HIS B 499 -19.94 21.07 30.69
CA HIS B 499 -19.94 21.06 30.70
C HIS B 499 -20.16 22.52 31.11
N SER B 500 -19.19 23.38 30.79
CA SER B 500 -19.25 24.79 31.13
C SER B 500 -20.40 25.47 30.39
N GLU B 501 -20.70 25.03 29.16
CA GLU B 501 -21.78 25.59 28.36
C GLU B 501 -23.13 25.38 29.04
N HIS B 502 -23.31 24.22 29.67
CA HIS B 502 -24.60 23.82 30.21
C HIS B 502 -24.67 24.06 31.73
N HIS B 503 -23.51 24.00 32.41
CA HIS B 503 -23.42 24.22 33.85
C HIS B 503 -22.45 25.36 34.13
C1A EL5 C . -27.44 2.22 -21.30
C1B EL5 C . -25.17 -1.46 -20.53
O1B EL5 C . -21.54 -6.74 -21.51
C1C EL5 C . -21.42 0.74 -20.65
O1C EL5 C . -16.93 0.69 -22.86
C1D EL5 C . -21.87 5.30 -21.86
C2A EL5 C . -28.68 1.85 -20.48
C2B EL5 C . -24.60 -2.79 -20.47
O2B EL5 C . -19.79 -5.41 -21.53
C2C EL5 C . -20.20 1.42 -20.28
O2C EL5 C . -17.15 2.27 -21.38
C2D EL5 C . -20.73 5.53 -22.69
C3A EL5 C . -28.46 0.37 -20.28
C3B EL5 C . -23.25 -2.65 -20.47
C3C EL5 C . -20.37 2.76 -20.52
C3D EL5 C . -20.59 6.95 -22.83
C4A EL5 C . -27.15 0.05 -20.68
C4B EL5 C . -22.99 -1.22 -20.54
C4C EL5 C . -21.71 2.95 -21.04
C4D EL5 C . -21.76 7.54 -22.14
CAA EL5 C . -29.32 -0.52 -19.77
CAB EL5 C . -22.21 -3.73 -20.38
CAC EL5 C . -18.96 0.77 -19.76
CAD EL5 C . -19.59 7.62 -23.53
CBA EL5 C . -30.64 -0.21 -19.12
CBB EL5 C . -21.92 -4.39 -21.73
CBC EL5 C . -18.10 0.14 -20.86
CBD EL5 C . -19.55 8.90 -23.78
CGB EL5 C . -21.02 -5.61 -21.59
CGC EL5 C . -17.34 1.11 -21.77
CHB EL5 C . -26.53 -1.16 -20.51
CHC EL5 C . -21.71 -0.62 -20.54
CHD EL5 C . -22.34 4.10 -21.41
CMA EL5 C . -29.99 2.23 -21.20
CMB EL5 C . -25.36 -4.08 -20.39
CMC EL5 C . -19.39 3.86 -20.27
CMD EL5 C . -19.85 4.52 -23.37
NA EL5 C . -26.62 1.14 -21.31
OA EL5 C . -27.24 3.28 -21.86
NB EL5 C . -24.17 -0.53 -20.63
NC EL5 C . -22.29 1.71 -21.09
ND EL5 C . -22.52 6.51 -21.65
OD EL5 C . -22.05 8.72 -22.04
C1 MPD D . -4.67 30.72 10.75
C2 MPD D . -5.75 31.23 9.80
O2 MPD D . -5.16 31.28 8.49
CM MPD D . -6.20 32.65 10.15
C3 MPD D . -6.96 30.27 9.77
C4 MPD D . -6.66 28.85 9.34
O4 MPD D . -7.82 28.02 9.46
C5 MPD D . -6.13 28.73 7.95
C1 MPD E . -17.81 32.90 20.44
C2 MPD E . -17.35 32.08 19.24
O2 MPD E . -16.74 33.01 18.33
CM MPD E . -18.52 31.42 18.52
C3 MPD E . -16.29 31.06 19.66
C4 MPD E . -15.77 30.14 18.55
O4 MPD E . -14.35 30.20 18.52
C5 MPD E . -16.21 28.70 18.66
C1 PEG F . -30.10 -2.17 -33.66
O1 PEG F . -30.00 -2.43 -32.28
C2 PEG F . -29.69 -0.78 -34.01
O2 PEG F . -28.29 -0.72 -34.27
C3 PEG F . -27.93 0.40 -35.05
C4 PEG F . -27.66 1.57 -34.15
O4 PEG F . -27.03 2.63 -34.84
O1 MES G . -8.48 -40.76 -34.73
C2 MES G . -7.41 -41.51 -34.19
C3 MES G . -7.60 -41.75 -32.71
N4 MES G . -7.75 -40.45 -31.97
C5 MES G . -8.79 -39.60 -32.63
C6 MES G . -8.53 -39.48 -34.11
C7 MES G . -8.08 -40.65 -30.52
C8 MES G . -7.57 -41.93 -29.90
S MES G . -7.28 -41.77 -28.15
O1S MES G . -5.94 -41.27 -28.02
O2S MES G . -7.44 -43.09 -27.61
O3S MES G . -8.27 -40.85 -27.65
CL CL H . -9.26 9.60 -6.83
CL CL I . -34.30 -9.40 -20.57
C1A EL5 J . 29.96 -5.76 16.68
C1B EL5 J . 29.59 -5.62 12.31
O1B EL5 J . 28.00 -8.52 6.38
C1C EL5 J . 25.90 -7.91 12.47
O1C EL5 J . 23.68 -11.93 10.48
C1D EL5 J . 24.70 -9.44 16.80
C2A EL5 J . 30.63 -4.40 16.85
C2B EL5 J . 29.74 -5.62 10.85
O2B EL5 J . 29.91 -7.47 6.08
C2C EL5 J . 24.50 -8.26 12.45
O2C EL5 J . 22.45 -10.79 11.88
C2D EL5 J . 24.15 -10.73 16.58
C3A EL5 J . 31.05 -4.11 15.43
C3B EL5 J . 28.68 -6.30 10.34
C3C EL5 J . 24.14 -8.59 13.73
C3D EL5 J . 23.51 -11.15 17.76
C4A EL5 J . 30.44 -5.03 14.57
C4B EL5 J . 27.90 -6.75 11.47
C4C EL5 J . 25.29 -8.45 14.57
C4D EL5 J . 23.78 -10.08 18.76
CAA EL5 J . 31.84 -3.10 15.03
CAB EL5 J . 28.38 -6.55 8.89
CAC EL5 J . 23.62 -8.29 11.23
CAD EL5 J . 22.83 -12.36 17.95
CBA EL5 J . 32.31 -1.96 15.89
CBB EL5 J . 29.14 -7.76 8.32
CBC EL5 J . 23.83 -9.55 10.37
CBD EL5 J . 22.23 -12.77 19.03
CGB EL5 J . 29.00 -7.93 6.82
CGC EL5 J . 23.28 -10.85 10.96
CHB EL5 J . 30.43 -4.98 13.20
CHC EL5 J . 26.69 -7.48 11.41
CHD EL5 J . 25.41 -8.66 15.93
CMA EL5 J . 31.77 -4.45 17.88
CMB EL5 J . 30.88 -5.00 10.08
CMC EL5 J . 22.77 -8.99 14.20
CMD EL5 J . 24.26 -11.58 15.34
NA EL5 J . 29.87 -6.03 15.35
OA EL5 J . 29.60 -6.50 17.57
NB EL5 J . 28.49 -6.35 12.65
NC EL5 J . 26.32 -8.03 13.77
ND EL5 J . 24.51 -9.11 18.13
OD EL5 J . 23.43 -10.04 19.94
C1 MPD K . -16.22 5.33 28.05
C2 MPD K . -15.13 5.03 29.08
O2 MPD K . -14.82 3.64 28.95
CM MPD K . -15.65 5.23 30.50
C3 MPD K . -13.89 5.89 28.83
C4 MPD K . -12.72 5.38 27.98
O4 MPD K . -13.03 4.22 27.20
C5 MPD K . -12.12 6.43 27.08
C1 MPD L . -9.79 18.18 36.09
C2 MPD L . -11.16 18.15 35.43
O2 MPD L . -11.63 19.51 35.48
CM MPD L . -12.14 17.28 36.19
C3 MPD L . -11.04 17.71 33.96
C4 MPD L . -12.27 17.97 33.11
O4 MPD L . -12.55 19.37 33.06
C5 MPD L . -12.14 17.41 31.72
C1 PEG M . 7.50 -7.06 16.09
O1 PEG M . 6.58 -7.63 17.01
C2 PEG M . 6.81 -6.34 14.98
O2 PEG M . 6.62 -4.97 15.33
C3 PEG M . 5.48 -4.37 14.74
C4 PEG M . 5.73 -3.99 13.31
O4 PEG M . 6.35 -2.73 13.17
#